data_7XXA
#
_entry.id   7XXA
#
_cell.length_a   1.00
_cell.length_b   1.00
_cell.length_c   1.00
_cell.angle_alpha   90.00
_cell.angle_beta   90.00
_cell.angle_gamma   90.00
#
_symmetry.space_group_name_H-M   'P 1'
#
loop_
_entity.id
_entity.type
_entity.pdbx_description
1 polymer VP1
2 polymer 'IgG receptor FcRn large subunit p51'
3 polymer VP2
4 polymer VP3
5 polymer VP4
#
loop_
_entity_poly.entity_id
_entity_poly.type
_entity_poly.pdbx_seq_one_letter_code
_entity_poly.pdbx_strand_id
1 'polypeptide(L)'
;GDNQDRTVANTQPSGPSNSKEIPALTAVETGHTSQVDPSDTLQTRHVVNFHSRSESTVENFMGRAACVFMDQYKLNGEET
STDNFAVWTINVREMAQLRRKCELFTYMRFDIEMTMVITSCQDQGTQLEQDMPVLTHQIMYVPPGGPIPAKVDSYEWQTS
TNPSVFWTEGNAPARMSIPFISVGNAYSLFYDGWSHFTQDGTYGYTTLNAMGKLFVRHVNKSSPHQITSTIRVYFKPKHI
KAWVPRPPRLCPYINKGDVNFVVTEVTDARKSITDTPHPEHSVLVTRGAFGQQSGAAYIGNYKVVNRHLATH
;
A
2 'polypeptide(L)'
;LSLLYHLTAVSSPAPGTPAFWVSGWLGPQQYLSYNSLRGEAEPCGAWVWENQVSWYWEKETTDLRIKEKLFLEAFKALGG
KGPYTLQGLLGCELGPDNTSVPTAKFALNGEEFMNFDLKQGTWGGDWPEALAISQRWQQQDKAANKELTFLLFSCPHRLR
EHLERGRGNLEWKEPPSMRLKARPSSPGFSVLTCSAFSFYPPELQLRFLRNGLAAGTGQGDFGPNSDGSFHASSSLTVKS
GDEHHYCCIVQHAGLAQPLRVEL
;
E
3 'polypeptide(L)'
;SPSAEECGYSDRVRSMTLGNSTITTQESANVVVGYGEWPSYLSDKEATAEDQPTQPDVATCRFYTLESVQWEKSSPGWWW
KFPEALKNMGLFGQNMHYHYLGRAGYTIHVQCNASKFHQGCLLVVCVPEAEMGCADTSTTFPATELTTEEEPHVFTSDSI
TGKKVQAAVCNAGMGVGVGNLTIFPHQWINLRTNNSATIVMPYINSVPMDNMFRHYNFTLMIIPFAPLNFNEGATAYVPV
TVTIAPMYAEYNGLRLASTQ
;
B
4 'polypeptide(L)'
;GVPVLNTPGSTQFLTSDDFQSPSAMPQFDETPEMHIPGEVRNLMEMAEVDSVVPVNNITGKTKSMEAYQIAVGTGNTDKT
KPIFSFQMDPGYSSVLKRTLLGEMLNYYAHWSGSVKLTFLFCGSAMATGKLLISYSPPGASVPSSRKDAMLGTHIIWDIG
LQSSCVLCVPWISQSHYRMVQQDPYTSAGYITCWYQTNIVVPPGAPTSCDVLCFASACNDFSVRLLRDTPFMAQPGKLQ
;
C
5 'polypeptide(L)' MGAQVSTQKTGAHETSLNAKGNSIIHYTNINFYKDAASSASNRQELQQDPGKFTDPVKDLMVKTLPALN D
#
# COMPACT_ATOMS: atom_id res chain seq x y z
N ASP A 5 13.44 24.45 10.58
CA ASP A 5 12.44 23.65 11.27
C ASP A 5 11.23 24.48 11.67
N ARG A 6 10.23 24.54 10.80
CA ARG A 6 9.01 25.28 11.09
C ARG A 6 8.15 24.47 12.06
N THR A 7 7.66 25.13 13.11
CA THR A 7 6.87 24.46 14.12
C THR A 7 5.40 24.44 13.72
N VAL A 8 4.57 23.84 14.57
CA VAL A 8 3.14 23.83 14.33
C VAL A 8 2.58 25.25 14.43
N ALA A 9 1.41 25.45 13.83
CA ALA A 9 0.77 26.75 13.87
C ALA A 9 0.21 27.00 15.27
N ASN A 10 0.52 28.17 15.82
CA ASN A 10 0.09 28.50 17.18
C ASN A 10 -1.42 28.67 17.24
N THR A 11 -2.02 28.16 18.31
CA THR A 11 -3.46 28.30 18.52
C THR A 11 -3.79 29.77 18.77
N GLN A 12 -4.48 30.39 17.83
CA GLN A 12 -4.79 31.81 17.94
C GLN A 12 -5.81 32.04 19.04
N PRO A 13 -5.74 33.19 19.71
CA PRO A 13 -6.73 33.48 20.76
C PRO A 13 -8.13 33.62 20.18
N SER A 14 -9.11 33.17 20.94
CA SER A 14 -10.50 33.18 20.51
C SER A 14 -11.41 33.52 21.68
N GLY A 15 -12.59 34.03 21.36
CA GLY A 15 -13.58 34.35 22.35
C GLY A 15 -14.95 33.85 21.95
N PRO A 16 -15.98 34.22 22.71
CA PRO A 16 -17.35 33.83 22.35
C PRO A 16 -17.75 34.42 21.00
N SER A 17 -18.34 33.57 20.15
CA SER A 17 -18.73 33.97 18.81
C SER A 17 -20.14 33.47 18.53
N ASN A 18 -21.03 34.39 18.19
CA ASN A 18 -22.38 34.07 17.74
C ASN A 18 -22.59 34.47 16.28
N SER A 19 -21.50 34.59 15.51
CA SER A 19 -21.56 35.07 14.14
C SER A 19 -22.20 34.03 13.22
N LYS A 20 -22.42 34.46 11.97
CA LYS A 20 -22.91 33.56 10.93
C LYS A 20 -21.81 32.70 10.33
N GLU A 21 -20.57 32.85 10.81
CA GLU A 21 -19.46 32.01 10.38
C GLU A 21 -19.57 30.65 11.07
N ILE A 22 -19.76 29.60 10.28
CA ILE A 22 -19.86 28.25 10.82
C ILE A 22 -18.57 27.48 10.55
N PRO A 23 -17.60 27.50 11.47
CA PRO A 23 -16.36 26.75 11.24
C PRO A 23 -16.60 25.25 11.35
N ALA A 24 -17.29 24.84 12.42
CA ALA A 24 -17.57 23.43 12.62
C ALA A 24 -18.47 22.90 11.51
N LEU A 25 -19.58 23.60 11.24
CA LEU A 25 -20.50 23.18 10.18
C LEU A 25 -19.81 23.35 8.83
N THR A 26 -19.40 22.23 8.23
CA THR A 26 -18.76 22.22 6.93
C THR A 26 -19.32 21.04 6.16
N ALA A 27 -18.65 20.68 5.06
CA ALA A 27 -19.07 19.53 4.25
C ALA A 27 -17.85 18.69 3.92
N VAL A 28 -17.70 17.56 4.61
CA VAL A 28 -16.65 16.61 4.26
C VAL A 28 -17.03 15.77 3.05
N GLU A 29 -18.29 15.86 2.60
CA GLU A 29 -18.67 15.21 1.35
C GLU A 29 -17.89 15.78 0.18
N THR A 30 -17.46 17.03 0.28
CA THR A 30 -16.68 17.67 -0.78
C THR A 30 -15.32 17.02 -0.97
N GLY A 31 -14.88 16.18 -0.04
CA GLY A 31 -13.53 15.64 -0.07
C GLY A 31 -12.49 16.51 0.58
N HIS A 32 -12.91 17.62 1.20
CA HIS A 32 -12.00 18.55 1.86
C HIS A 32 -12.06 18.34 3.36
N THR A 33 -10.91 18.02 3.95
CA THR A 33 -10.82 17.97 5.41
C THR A 33 -10.93 19.37 5.97
N SER A 34 -11.79 19.54 6.98
CA SER A 34 -11.99 20.86 7.56
C SER A 34 -10.68 21.37 8.15
N GLN A 35 -10.36 22.63 7.86
CA GLN A 35 -9.12 23.24 8.30
C GLN A 35 -9.28 23.99 9.63
N VAL A 36 -10.31 23.65 10.40
CA VAL A 36 -10.59 24.39 11.63
C VAL A 36 -9.58 24.03 12.71
N ASP A 37 -9.12 25.05 13.43
CA ASP A 37 -8.27 24.85 14.61
C ASP A 37 -9.16 24.84 15.85
N PRO A 38 -8.64 24.51 17.03
CA PRO A 38 -9.48 24.58 18.24
C PRO A 38 -10.06 25.96 18.49
N SER A 39 -9.34 27.01 18.13
CA SER A 39 -9.87 28.37 18.25
C SER A 39 -11.14 28.55 17.43
N ASP A 40 -11.22 27.88 16.27
CA ASP A 40 -12.36 28.09 15.37
C ASP A 40 -13.67 27.64 15.99
N THR A 41 -13.67 26.50 16.68
CA THR A 41 -14.89 25.93 17.23
C THR A 41 -15.00 26.10 18.74
N LEU A 42 -13.92 26.50 19.41
CA LEU A 42 -13.90 26.62 20.86
C LEU A 42 -13.19 27.90 21.24
N GLN A 43 -13.49 28.40 22.44
CA GLN A 43 -12.79 29.55 22.99
C GLN A 43 -11.51 29.06 23.64
N THR A 44 -10.36 29.49 23.09
CA THR A 44 -9.06 29.03 23.52
C THR A 44 -8.15 30.22 23.82
N ARG A 45 -6.98 29.91 24.36
CA ARG A 45 -5.98 30.90 24.69
C ARG A 45 -4.88 30.94 23.63
N HIS A 46 -4.08 32.00 23.68
CA HIS A 46 -2.97 32.18 22.74
C HIS A 46 -1.74 31.49 23.30
N VAL A 47 -1.43 30.31 22.78
CA VAL A 47 -0.25 29.54 23.18
C VAL A 47 0.69 29.46 22.00
N VAL A 48 1.95 29.85 22.23
CA VAL A 48 2.98 29.80 21.20
C VAL A 48 3.51 28.38 21.16
N ASN A 49 3.01 27.59 20.20
CA ASN A 49 3.35 26.17 20.12
C ASN A 49 4.68 25.98 19.41
N PHE A 50 5.58 25.20 20.03
CA PHE A 50 6.89 24.90 19.46
C PHE A 50 7.03 23.42 19.13
N HIS A 51 5.93 22.71 18.90
CA HIS A 51 5.96 21.28 18.63
C HIS A 51 6.37 21.07 17.18
N SER A 52 7.67 20.98 16.96
CA SER A 52 8.20 20.78 15.60
C SER A 52 7.82 19.40 15.08
N ARG A 53 7.49 19.34 13.79
CA ARG A 53 7.17 18.10 13.10
C ARG A 53 8.34 17.57 12.28
N SER A 54 9.57 17.85 12.72
CA SER A 54 10.75 17.46 11.95
C SER A 54 10.88 15.94 11.89
N GLU A 55 10.69 15.26 13.01
CA GLU A 55 10.77 13.81 13.04
C GLU A 55 9.53 13.14 12.45
N SER A 56 8.53 13.92 12.05
CA SER A 56 7.29 13.39 11.50
C SER A 56 7.22 13.58 9.98
N THR A 57 8.36 13.83 9.34
CA THR A 57 8.42 13.94 7.90
C THR A 57 8.70 12.58 7.29
N VAL A 58 8.39 12.44 6.01
CA VAL A 58 8.67 11.18 5.32
C VAL A 58 10.16 10.92 5.29
N GLU A 59 10.97 11.98 5.21
CA GLU A 59 12.41 11.82 5.31
C GLU A 59 12.81 11.21 6.64
N ASN A 60 12.24 11.70 7.75
CA ASN A 60 12.56 11.17 9.07
C ASN A 60 11.81 9.88 9.38
N PHE A 61 10.55 9.79 8.94
CA PHE A 61 9.78 8.56 9.17
C PHE A 61 10.43 7.37 8.48
N MET A 62 10.86 7.55 7.24
CA MET A 62 11.60 6.54 6.51
C MET A 62 13.08 6.53 6.88
N GLY A 63 13.55 7.55 7.61
CA GLY A 63 14.96 7.60 7.98
C GLY A 63 15.36 6.48 8.90
N ARG A 64 14.47 6.08 9.81
CA ARG A 64 14.74 4.93 10.67
C ARG A 64 15.02 3.70 9.82
N ALA A 65 16.16 3.06 10.09
CA ALA A 65 16.54 1.88 9.33
C ALA A 65 15.91 0.64 9.95
N ALA A 66 15.23 -0.14 9.12
CA ALA A 66 14.57 -1.35 9.57
C ALA A 66 15.04 -2.52 8.72
N CYS A 67 15.10 -3.69 9.34
CA CYS A 67 15.58 -4.87 8.65
C CYS A 67 14.63 -5.23 7.51
N VAL A 68 15.21 -5.56 6.36
CA VAL A 68 14.43 -5.93 5.19
C VAL A 68 14.76 -7.33 4.67
N PHE A 69 15.94 -7.86 4.94
CA PHE A 69 16.29 -9.20 4.47
C PHE A 69 16.91 -10.01 5.59
N MET A 70 16.31 -11.16 5.89
CA MET A 70 16.87 -12.12 6.84
C MET A 70 17.03 -13.46 6.13
N ASP A 71 18.27 -13.92 6.01
CA ASP A 71 18.56 -15.23 5.44
C ASP A 71 19.83 -15.76 6.09
N GLN A 72 19.99 -17.08 6.05
CA GLN A 72 21.12 -17.76 6.67
C GLN A 72 21.95 -18.41 5.58
N TYR A 73 23.13 -17.86 5.32
CA TYR A 73 24.07 -18.46 4.38
C TYR A 73 25.24 -19.08 5.13
N LYS A 74 25.77 -20.18 4.59
CA LYS A 74 26.60 -21.07 5.38
C LYS A 74 28.00 -21.22 4.78
N LEU A 75 28.97 -21.45 5.65
CA LEU A 75 30.32 -21.82 5.27
C LEU A 75 30.60 -23.22 5.77
N ASN A 76 30.92 -24.13 4.85
CA ASN A 76 31.17 -25.52 5.22
C ASN A 76 31.83 -26.31 4.10
N GLY A 77 32.95 -26.96 4.41
CA GLY A 77 33.61 -27.91 3.53
C GLY A 77 33.80 -27.48 2.09
N GLU A 78 33.73 -28.46 1.18
CA GLU A 78 33.86 -28.20 -0.25
C GLU A 78 32.61 -28.55 -1.03
N GLU A 79 31.59 -29.11 -0.38
CA GLU A 79 30.33 -29.47 -1.04
C GLU A 79 29.47 -28.21 -1.19
N THR A 80 29.90 -27.34 -2.10
CA THR A 80 29.21 -26.08 -2.33
C THR A 80 27.81 -26.31 -2.86
N SER A 81 26.85 -25.60 -2.30
CA SER A 81 25.45 -25.71 -2.69
C SER A 81 24.84 -24.30 -2.69
N THR A 82 23.52 -24.24 -2.76
CA THR A 82 22.81 -22.96 -2.73
C THR A 82 22.68 -22.40 -1.33
N ASP A 83 23.08 -23.14 -0.30
CA ASP A 83 23.01 -22.68 1.07
C ASP A 83 24.24 -21.92 1.52
N ASN A 84 25.27 -21.83 0.68
CA ASN A 84 26.48 -21.08 1.00
C ASN A 84 26.38 -19.61 0.65
N PHE A 85 25.35 -19.21 -0.10
CA PHE A 85 25.13 -17.82 -0.44
C PHE A 85 23.66 -17.47 -0.25
N ALA A 86 23.41 -16.24 0.17
CA ALA A 86 22.07 -15.72 0.40
C ALA A 86 21.65 -14.91 -0.81
N VAL A 87 20.48 -15.24 -1.37
CA VAL A 87 19.95 -14.62 -2.58
C VAL A 87 18.74 -13.78 -2.19
N TRP A 88 18.67 -12.56 -2.72
CA TRP A 88 17.54 -11.69 -2.42
C TRP A 88 17.23 -10.81 -3.62
N THR A 89 16.03 -10.96 -4.20
CA THR A 89 15.58 -10.03 -5.23
C THR A 89 15.16 -8.75 -4.51
N ILE A 90 16.06 -7.77 -4.50
CA ILE A 90 15.97 -6.61 -3.60
C ILE A 90 14.59 -5.99 -3.67
N ASN A 91 13.83 -6.12 -2.58
CA ASN A 91 12.47 -5.62 -2.51
C ASN A 91 12.18 -5.28 -1.05
N VAL A 92 11.48 -4.16 -0.85
CA VAL A 92 11.15 -3.74 0.51
C VAL A 92 10.14 -4.70 1.14
N ARG A 93 9.40 -5.45 0.30
CA ARG A 93 8.25 -6.20 0.79
C ARG A 93 8.64 -7.31 1.76
N GLU A 94 9.85 -7.87 1.61
CA GLU A 94 10.27 -9.05 2.36
C GLU A 94 9.92 -8.98 3.83
N MET A 95 10.39 -7.95 4.54
CA MET A 95 10.08 -7.77 5.94
C MET A 95 8.96 -6.75 6.09
N ALA A 96 7.95 -7.09 6.90
CA ALA A 96 6.73 -6.30 6.97
C ALA A 96 6.94 -4.96 7.66
N GLN A 97 7.93 -4.85 8.55
CA GLN A 97 8.10 -3.63 9.33
C GLN A 97 8.35 -2.43 8.44
N LEU A 98 9.31 -2.53 7.52
CA LEU A 98 9.54 -1.46 6.57
C LEU A 98 8.59 -1.54 5.37
N ARG A 99 8.04 -2.72 5.10
CA ARG A 99 7.09 -2.84 3.99
C ARG A 99 5.85 -2.00 4.24
N ARG A 100 5.37 -1.98 5.48
CA ARG A 100 4.20 -1.16 5.81
C ARG A 100 4.51 0.33 5.67
N LYS A 101 5.69 0.74 6.13
CA LYS A 101 6.09 2.14 6.01
C LYS A 101 6.20 2.56 4.56
N CYS A 102 6.79 1.72 3.71
CA CYS A 102 6.89 2.04 2.29
C CYS A 102 5.52 2.01 1.62
N GLU A 103 4.68 1.05 1.99
CA GLU A 103 3.33 0.92 1.47
C GLU A 103 2.37 1.90 2.10
N LEU A 104 2.88 2.85 2.89
CA LEU A 104 2.15 4.04 3.28
C LEU A 104 2.17 5.10 2.19
N PHE A 105 2.86 4.84 1.07
CA PHE A 105 2.97 5.78 -0.03
C PHE A 105 3.01 4.99 -1.32
N THR A 106 2.35 5.53 -2.36
CA THR A 106 2.31 4.82 -3.64
C THR A 106 3.65 4.91 -4.37
N TYR A 107 4.22 6.10 -4.46
CA TYR A 107 5.49 6.32 -5.15
C TYR A 107 6.45 7.01 -4.20
N MET A 108 7.70 6.53 -4.17
CA MET A 108 8.74 7.13 -3.35
C MET A 108 10.06 7.13 -4.14
N ARG A 109 10.57 8.33 -4.43
CA ARG A 109 11.90 8.47 -5.00
C ARG A 109 12.89 8.71 -3.88
N PHE A 110 13.85 7.81 -3.73
CA PHE A 110 14.79 7.91 -2.62
C PHE A 110 16.06 7.13 -2.93
N ASP A 111 17.15 7.58 -2.32
CA ASP A 111 18.39 6.81 -2.30
C ASP A 111 18.37 5.93 -1.06
N ILE A 112 18.74 4.67 -1.21
CA ILE A 112 18.47 3.67 -0.18
C ILE A 112 19.80 3.21 0.40
N GLU A 113 20.03 3.49 1.68
CA GLU A 113 21.20 2.97 2.36
C GLU A 113 20.95 1.52 2.74
N MET A 114 21.84 0.63 2.32
CA MET A 114 21.76 -0.79 2.56
C MET A 114 22.87 -1.17 3.53
N THR A 115 22.48 -1.49 4.77
CA THR A 115 23.42 -1.86 5.82
C THR A 115 23.31 -3.35 6.09
N MET A 116 24.43 -4.06 5.99
CA MET A 116 24.47 -5.50 6.14
C MET A 116 25.02 -5.83 7.52
N VAL A 117 24.13 -6.17 8.45
CA VAL A 117 24.53 -6.55 9.81
C VAL A 117 24.67 -8.07 9.80
N ILE A 118 25.85 -8.51 9.35
CA ILE A 118 26.14 -9.94 9.28
C ILE A 118 26.46 -10.45 10.69
N THR A 119 25.75 -11.50 11.09
CA THR A 119 26.00 -12.15 12.39
C THR A 119 26.35 -13.60 12.12
N SER A 120 27.61 -13.96 12.31
CA SER A 120 28.09 -15.32 12.06
C SER A 120 28.12 -16.09 13.36
N CYS A 121 27.39 -17.21 13.41
CA CYS A 121 27.37 -18.10 14.55
C CYS A 121 27.65 -19.52 14.06
N GLN A 122 28.57 -20.20 14.74
CA GLN A 122 28.88 -21.58 14.37
C GLN A 122 27.65 -22.47 14.62
N ASP A 123 27.33 -23.30 13.64
CA ASP A 123 26.19 -24.20 13.77
C ASP A 123 26.49 -25.26 14.83
N GLN A 124 25.54 -25.48 15.74
CA GLN A 124 25.72 -26.47 16.78
C GLN A 124 25.98 -27.84 16.18
N GLY A 125 27.03 -28.50 16.68
CA GLY A 125 27.43 -29.78 16.13
C GLY A 125 28.24 -30.58 17.14
N THR A 126 28.49 -31.83 16.78
CA THR A 126 29.31 -32.70 17.63
C THR A 126 30.72 -32.15 17.76
N GLN A 127 31.31 -31.68 16.66
CA GLN A 127 32.68 -31.17 16.65
C GLN A 127 32.67 -29.70 16.29
N LEU A 128 33.09 -28.86 17.23
CA LEU A 128 33.19 -27.42 17.01
C LEU A 128 34.58 -26.89 17.33
N GLU A 129 35.59 -27.76 17.36
CA GLU A 129 36.95 -27.39 17.77
C GLU A 129 37.59 -26.34 16.87
N GLN A 130 37.07 -26.14 15.66
CA GLN A 130 37.69 -25.29 14.65
C GLN A 130 38.05 -23.90 15.18
N ASP A 131 39.16 -23.35 14.69
CA ASP A 131 39.58 -21.98 15.00
C ASP A 131 39.78 -21.26 13.66
N MET A 132 38.68 -20.76 13.11
CA MET A 132 38.70 -20.13 11.80
C MET A 132 39.14 -18.67 11.92
N PRO A 133 39.93 -18.18 10.96
CA PRO A 133 40.23 -16.75 10.92
C PRO A 133 38.97 -15.91 10.75
N VAL A 134 39.13 -14.61 10.90
CA VAL A 134 37.99 -13.70 10.86
C VAL A 134 37.32 -13.80 9.49
N LEU A 135 36.02 -14.10 9.50
CA LEU A 135 35.30 -14.32 8.26
C LEU A 135 35.07 -13.02 7.52
N THR A 136 35.38 -13.02 6.22
CA THR A 136 35.11 -11.90 5.34
C THR A 136 33.90 -12.22 4.49
N HIS A 137 32.98 -11.26 4.38
CA HIS A 137 31.72 -11.45 3.68
C HIS A 137 31.64 -10.50 2.49
N GLN A 138 31.26 -11.02 1.34
CA GLN A 138 31.05 -10.23 0.13
C GLN A 138 29.55 -10.04 -0.08
N ILE A 139 29.13 -8.79 -0.22
CA ILE A 139 27.74 -8.44 -0.49
C ILE A 139 27.74 -7.73 -1.84
N MET A 140 27.31 -8.42 -2.88
CA MET A 140 27.30 -7.88 -4.23
C MET A 140 25.86 -7.62 -4.68
N TYR A 141 25.61 -6.42 -5.20
CA TYR A 141 24.33 -6.07 -5.80
C TYR A 141 24.43 -6.34 -7.30
N VAL A 142 23.75 -7.38 -7.76
CA VAL A 142 23.72 -7.70 -9.18
C VAL A 142 22.72 -6.78 -9.86
N PRO A 143 23.11 -6.04 -10.89
CA PRO A 143 22.14 -5.19 -11.59
C PRO A 143 21.06 -6.03 -12.23
N PRO A 144 19.85 -5.49 -12.37
CA PRO A 144 18.76 -6.26 -12.98
C PRO A 144 19.09 -6.65 -14.41
N GLY A 145 19.10 -7.95 -14.67
CA GLY A 145 19.48 -8.49 -15.96
C GLY A 145 20.91 -8.96 -16.03
N GLY A 146 21.75 -8.59 -15.07
CA GLY A 146 23.13 -9.02 -15.04
C GLY A 146 23.27 -10.45 -14.57
N PRO A 147 24.42 -11.05 -14.82
CA PRO A 147 24.64 -12.44 -14.39
C PRO A 147 24.61 -12.58 -12.89
N ILE A 148 24.00 -13.67 -12.42
CA ILE A 148 23.89 -13.93 -10.98
C ILE A 148 24.67 -15.20 -10.65
N PRO A 149 25.27 -15.29 -9.47
CA PRO A 149 26.07 -16.49 -9.13
C PRO A 149 25.22 -17.75 -9.11
N ALA A 150 25.82 -18.84 -9.61
CA ALA A 150 25.22 -20.16 -9.48
C ALA A 150 25.76 -20.93 -8.29
N LYS A 151 27.02 -20.68 -7.93
CA LYS A 151 27.65 -21.28 -6.76
C LYS A 151 28.39 -20.21 -5.98
N VAL A 152 28.85 -20.58 -4.78
CA VAL A 152 29.58 -19.64 -3.94
C VAL A 152 30.92 -19.26 -4.54
N ASP A 153 31.43 -20.05 -5.48
CA ASP A 153 32.71 -19.79 -6.12
C ASP A 153 32.57 -19.60 -7.63
N SER A 154 31.46 -19.00 -8.05
CA SER A 154 31.22 -18.78 -9.47
C SER A 154 31.94 -17.52 -9.95
N TYR A 155 31.96 -17.35 -11.28
CA TYR A 155 32.61 -16.19 -11.86
C TYR A 155 31.88 -14.89 -11.52
N GLU A 156 30.57 -14.96 -11.28
CA GLU A 156 29.80 -13.76 -11.00
C GLU A 156 30.29 -13.03 -9.75
N TRP A 157 30.99 -13.71 -8.85
CA TRP A 157 31.54 -13.03 -7.69
C TRP A 157 32.73 -12.15 -8.04
N GLN A 158 33.31 -12.34 -9.23
CA GLN A 158 34.33 -11.43 -9.75
C GLN A 158 33.62 -10.20 -10.27
N THR A 159 33.51 -9.18 -9.42
CA THR A 159 32.67 -8.01 -9.69
C THR A 159 33.42 -7.03 -10.56
N SER A 160 33.43 -7.32 -11.87
CA SER A 160 34.03 -6.40 -12.83
C SER A 160 33.21 -5.11 -12.93
N THR A 161 31.88 -5.24 -13.00
CA THR A 161 30.99 -4.07 -13.06
C THR A 161 29.89 -4.09 -12.01
N ASN A 162 29.54 -5.24 -11.46
CA ASN A 162 28.51 -5.29 -10.43
C ASN A 162 29.03 -4.67 -9.14
N PRO A 163 28.31 -3.74 -8.53
CA PRO A 163 28.75 -3.18 -7.25
C PRO A 163 28.84 -4.27 -6.18
N SER A 164 29.84 -4.14 -5.32
CA SER A 164 30.03 -5.12 -4.25
C SER A 164 30.81 -4.47 -3.11
N VAL A 165 30.62 -5.01 -1.91
CA VAL A 165 31.35 -4.57 -0.73
C VAL A 165 31.88 -5.79 0.00
N PHE A 166 33.18 -5.75 0.33
CA PHE A 166 33.80 -6.79 1.14
C PHE A 166 33.96 -6.27 2.56
N TRP A 167 33.33 -6.94 3.52
CA TRP A 167 33.31 -6.50 4.90
C TRP A 167 33.89 -7.60 5.80
N THR A 168 34.79 -7.21 6.70
CA THR A 168 35.38 -8.13 7.64
C THR A 168 34.58 -8.13 8.93
N GLU A 169 34.29 -9.32 9.46
CA GLU A 169 33.43 -9.44 10.63
C GLU A 169 34.09 -8.79 11.84
N GLY A 170 33.31 -8.02 12.59
CA GLY A 170 33.79 -7.28 13.75
C GLY A 170 33.90 -5.79 13.52
N ASN A 171 33.88 -5.34 12.28
CA ASN A 171 33.92 -3.92 11.96
C ASN A 171 32.50 -3.36 11.92
N ALA A 172 32.38 -2.09 11.55
CA ALA A 172 31.07 -1.49 11.35
C ALA A 172 30.34 -2.23 10.23
N PRO A 173 29.05 -2.52 10.40
CA PRO A 173 28.28 -3.15 9.32
C PRO A 173 28.43 -2.41 8.00
N ALA A 174 28.48 -3.15 6.89
CA ALA A 174 28.77 -2.58 5.58
C ALA A 174 27.56 -1.76 5.14
N ARG A 175 27.72 -0.44 5.05
CA ARG A 175 26.66 0.46 4.62
C ARG A 175 26.99 0.98 3.23
N MET A 176 26.14 0.67 2.26
CA MET A 176 26.31 1.12 0.88
C MET A 176 25.06 1.89 0.45
N SER A 177 25.24 3.13 0.01
CA SER A 177 24.12 3.93 -0.45
C SER A 177 23.83 3.60 -1.90
N ILE A 178 22.83 2.75 -2.13
CA ILE A 178 22.39 2.45 -3.49
C ILE A 178 21.60 3.64 -4.03
N PRO A 179 21.93 4.14 -5.22
CA PRO A 179 21.19 5.29 -5.77
C PRO A 179 19.80 4.92 -6.25
N PHE A 180 19.11 5.87 -6.86
CA PHE A 180 17.75 5.65 -7.34
C PHE A 180 17.74 4.70 -8.54
N ILE A 181 17.72 3.39 -8.27
CA ILE A 181 17.77 2.37 -9.31
C ILE A 181 16.33 2.06 -9.70
N SER A 182 15.77 2.86 -10.62
CA SER A 182 14.43 2.62 -11.12
C SER A 182 14.36 3.08 -12.56
N VAL A 183 13.68 2.29 -13.39
CA VAL A 183 13.47 2.67 -14.80
C VAL A 183 12.61 3.93 -14.87
N GLY A 184 11.61 4.05 -14.00
CA GLY A 184 10.76 5.21 -13.94
C GLY A 184 11.32 6.29 -13.05
N ASN A 185 10.50 7.31 -12.82
CA ASN A 185 10.90 8.45 -12.00
C ASN A 185 10.62 8.24 -10.52
N ALA A 186 10.02 7.11 -10.14
CA ALA A 186 9.76 6.81 -8.75
C ALA A 186 9.76 5.30 -8.57
N TYR A 187 9.60 4.86 -7.32
CA TYR A 187 9.41 3.46 -6.99
C TYR A 187 7.92 3.25 -6.72
N SER A 188 7.29 2.36 -7.50
CA SER A 188 5.87 2.06 -7.32
C SER A 188 5.74 1.02 -6.23
N LEU A 189 5.48 1.49 -5.00
CA LEU A 189 5.25 0.55 -3.90
C LEU A 189 3.98 -0.26 -4.15
N PHE A 190 3.02 0.32 -4.84
CA PHE A 190 1.86 -0.39 -5.36
C PHE A 190 1.83 -0.23 -6.87
N TYR A 191 1.55 -1.32 -7.58
CA TYR A 191 1.42 -1.29 -9.04
C TYR A 191 0.15 -2.07 -9.38
N ASP A 192 -0.96 -1.33 -9.55
CA ASP A 192 -2.26 -1.94 -9.84
C ASP A 192 -2.30 -2.62 -11.21
N GLY A 193 -1.30 -2.39 -12.06
CA GLY A 193 -1.27 -3.01 -13.36
C GLY A 193 -0.67 -4.40 -13.34
N TRP A 194 -0.46 -4.94 -14.53
CA TRP A 194 0.07 -6.28 -14.72
C TRP A 194 1.48 -6.20 -15.30
N SER A 195 2.11 -7.38 -15.41
CA SER A 195 3.46 -7.44 -15.98
C SER A 195 3.45 -7.25 -17.49
N HIS A 196 2.50 -7.86 -18.19
CA HIS A 196 2.43 -7.83 -19.63
C HIS A 196 1.28 -6.96 -20.11
N PHE A 197 1.37 -6.55 -21.37
CA PHE A 197 0.37 -5.66 -21.96
C PHE A 197 -0.94 -6.37 -22.28
N THR A 198 -0.97 -7.69 -22.25
CA THR A 198 -2.17 -8.47 -22.53
C THR A 198 -3.04 -8.68 -21.28
N GLN A 199 -2.83 -7.88 -20.23
CA GLN A 199 -3.57 -8.00 -18.98
C GLN A 199 -3.44 -9.42 -18.41
N ASP A 200 -2.19 -9.88 -18.32
CA ASP A 200 -1.89 -11.20 -17.77
C ASP A 200 -0.51 -11.12 -17.11
N GLY A 201 0.03 -12.28 -16.77
CA GLY A 201 1.35 -12.32 -16.16
C GLY A 201 1.35 -11.97 -14.69
N THR A 202 2.53 -11.58 -14.20
CA THR A 202 2.67 -11.23 -12.79
C THR A 202 1.90 -9.94 -12.50
N TYR A 203 1.30 -9.89 -11.32
CA TYR A 203 0.53 -8.74 -10.86
C TYR A 203 1.14 -8.16 -9.61
N GLY A 204 1.31 -6.84 -9.57
CA GLY A 204 1.70 -6.15 -8.36
C GLY A 204 2.92 -5.29 -8.59
N TYR A 205 3.52 -4.87 -7.48
CA TYR A 205 4.73 -4.06 -7.53
C TYR A 205 5.89 -4.83 -8.16
N THR A 206 5.88 -6.16 -8.04
CA THR A 206 7.01 -6.96 -8.49
C THR A 206 7.33 -6.76 -9.95
N THR A 207 6.33 -6.42 -10.77
CA THR A 207 6.57 -6.21 -12.19
C THR A 207 7.47 -5.00 -12.44
N LEU A 208 7.14 -3.86 -11.83
CA LEU A 208 7.97 -2.67 -11.92
C LEU A 208 8.97 -2.65 -10.76
N ASN A 209 9.67 -1.53 -10.61
CA ASN A 209 10.71 -1.33 -9.59
C ASN A 209 11.55 -2.60 -9.41
N ALA A 210 11.95 -3.19 -10.54
CA ALA A 210 12.67 -4.46 -10.55
C ALA A 210 14.12 -4.23 -10.15
N MET A 211 14.32 -3.98 -8.86
CA MET A 211 15.66 -3.80 -8.33
C MET A 211 16.47 -5.07 -8.51
N GLY A 212 17.74 -4.91 -8.85
CA GLY A 212 18.59 -6.06 -9.10
C GLY A 212 18.84 -6.87 -7.85
N LYS A 213 19.24 -8.12 -8.06
CA LYS A 213 19.42 -9.05 -6.96
C LYS A 213 20.63 -8.67 -6.11
N LEU A 214 20.61 -9.19 -4.88
CA LEU A 214 21.71 -9.04 -3.93
C LEU A 214 22.14 -10.43 -3.48
N PHE A 215 23.43 -10.72 -3.63
CA PHE A 215 24.01 -12.00 -3.27
C PHE A 215 25.05 -11.79 -2.19
N VAL A 216 24.92 -12.54 -1.10
CA VAL A 216 25.84 -12.45 0.02
C VAL A 216 26.55 -13.79 0.20
N ARG A 217 27.86 -13.74 0.46
CA ARG A 217 28.62 -14.97 0.60
C ARG A 217 29.80 -14.73 1.54
N HIS A 218 30.44 -15.83 1.92
CA HIS A 218 31.69 -15.76 2.69
C HIS A 218 32.86 -15.75 1.71
N VAL A 219 33.63 -14.66 1.74
CA VAL A 219 34.84 -14.57 0.91
C VAL A 219 35.80 -15.70 1.26
N ASN A 220 35.78 -16.16 2.51
CA ASN A 220 36.55 -17.33 2.89
C ASN A 220 36.02 -18.56 2.16
N LYS A 221 36.93 -19.32 1.55
CA LYS A 221 36.52 -20.44 0.70
C LYS A 221 35.78 -21.52 1.48
N SER A 222 36.30 -21.89 2.65
CA SER A 222 35.73 -22.98 3.42
C SER A 222 36.00 -22.78 4.90
N SER A 223 35.31 -23.57 5.72
CA SER A 223 35.45 -23.56 7.17
C SER A 223 35.49 -25.00 7.68
N PRO A 224 36.47 -25.35 8.54
CA PRO A 224 36.54 -26.72 9.10
C PRO A 224 35.20 -27.26 9.57
N HIS A 225 34.38 -26.40 10.19
CA HIS A 225 33.03 -26.77 10.60
C HIS A 225 32.07 -25.69 10.14
N GLN A 226 30.83 -26.09 9.92
CA GLN A 226 29.84 -25.20 9.31
C GLN A 226 29.54 -24.02 10.23
N ILE A 227 29.53 -22.82 9.65
CA ILE A 227 29.17 -21.60 10.34
C ILE A 227 28.06 -20.91 9.55
N THR A 228 26.96 -20.60 10.21
CA THR A 228 25.82 -19.95 9.59
C THR A 228 25.84 -18.46 9.89
N SER A 229 25.77 -17.64 8.86
CA SER A 229 25.75 -16.19 9.00
C SER A 229 24.38 -15.66 8.57
N THR A 230 23.82 -14.79 9.40
CA THR A 230 22.57 -14.11 9.11
C THR A 230 22.91 -12.74 8.54
N ILE A 231 22.49 -12.49 7.29
CA ILE A 231 22.90 -11.29 6.58
C ILE A 231 22.26 -10.05 7.20
N ARG A 232 20.94 -10.10 7.43
CA ARG A 232 20.19 -9.03 8.07
C ARG A 232 20.44 -7.68 7.38
N VAL A 233 19.98 -7.61 6.12
CA VAL A 233 20.02 -6.34 5.40
C VAL A 233 18.96 -5.41 5.94
N TYR A 234 19.38 -4.22 6.36
CA TYR A 234 18.52 -3.14 6.83
C TYR A 234 18.53 -2.03 5.79
N PHE A 235 17.36 -1.47 5.51
CA PHE A 235 17.23 -0.39 4.55
C PHE A 235 16.93 0.93 5.26
N LYS A 236 17.61 1.98 4.82
CA LYS A 236 17.39 3.35 5.30
C LYS A 236 17.04 4.20 4.07
N PRO A 237 15.77 4.36 3.76
CA PRO A 237 15.39 5.26 2.65
C PRO A 237 15.62 6.72 3.01
N LYS A 238 16.57 7.37 2.34
CA LYS A 238 16.85 8.78 2.53
C LYS A 238 16.64 9.52 1.22
N HIS A 239 16.69 10.85 1.30
CA HIS A 239 16.35 11.71 0.17
C HIS A 239 14.96 11.39 -0.36
N ILE A 240 14.01 11.21 0.58
CA ILE A 240 12.66 10.79 0.24
C ILE A 240 11.95 11.89 -0.53
N LYS A 241 11.32 11.54 -1.63
CA LYS A 241 10.42 12.40 -2.38
C LYS A 241 9.08 11.70 -2.58
N ALA A 242 8.54 11.18 -1.48
CA ALA A 242 7.37 10.31 -1.53
C ALA A 242 6.18 11.02 -2.16
N TRP A 243 5.41 10.27 -2.96
CA TRP A 243 4.23 10.77 -3.62
C TRP A 243 3.04 9.85 -3.32
N VAL A 244 1.85 10.45 -3.31
CA VAL A 244 0.59 9.72 -3.18
C VAL A 244 0.61 8.85 -1.92
N PRO A 245 0.48 9.44 -0.73
CA PRO A 245 0.51 8.64 0.49
C PRO A 245 -0.69 7.71 0.59
N ARG A 246 -0.48 6.60 1.29
CA ARG A 246 -1.48 5.55 1.45
C ARG A 246 -1.64 5.24 2.93
N PRO A 247 -2.79 4.69 3.34
CA PRO A 247 -2.97 4.35 4.75
C PRO A 247 -2.03 3.22 5.14
N PRO A 248 -1.57 3.20 6.39
CA PRO A 248 -0.73 2.08 6.84
C PRO A 248 -1.49 0.76 6.75
N ARG A 249 -0.75 -0.29 6.38
CA ARG A 249 -1.35 -1.58 6.11
C ARG A 249 -2.08 -2.12 7.33
N LEU A 250 -3.32 -2.58 7.12
CA LEU A 250 -4.16 -3.09 8.19
C LEU A 250 -3.98 -4.59 8.38
N CYS A 251 -4.24 -5.38 7.34
CA CYS A 251 -4.12 -6.82 7.45
C CYS A 251 -2.64 -7.22 7.51
N PRO A 252 -2.31 -8.26 8.27
CA PRO A 252 -0.92 -8.75 8.27
C PRO A 252 -0.52 -9.27 6.89
N TYR A 253 0.74 -9.01 6.53
CA TYR A 253 1.23 -9.44 5.23
C TYR A 253 1.36 -10.96 5.19
N ILE A 254 1.01 -11.55 4.05
CA ILE A 254 1.10 -12.99 3.84
C ILE A 254 2.18 -13.36 2.84
N ASN A 255 2.34 -12.55 1.79
CA ASN A 255 3.33 -12.81 0.74
C ASN A 255 4.09 -11.53 0.43
N LYS A 256 5.33 -11.69 -0.01
CA LYS A 256 6.18 -10.56 -0.36
C LYS A 256 6.11 -10.19 -1.84
N GLY A 257 5.29 -10.89 -2.61
CA GLY A 257 5.15 -10.60 -4.03
C GLY A 257 3.85 -9.87 -4.33
N ASP A 258 2.84 -10.06 -3.48
CA ASP A 258 1.54 -9.45 -3.66
C ASP A 258 1.08 -8.86 -2.34
N VAL A 259 -0.02 -8.11 -2.40
CA VAL A 259 -0.63 -7.54 -1.21
C VAL A 259 -1.75 -8.46 -0.75
N ASN A 260 -1.74 -9.70 -1.26
CA ASN A 260 -2.76 -10.67 -0.91
C ASN A 260 -2.82 -10.86 0.60
N PHE A 261 -4.04 -10.90 1.13
CA PHE A 261 -4.23 -10.79 2.57
C PHE A 261 -5.40 -11.65 3.02
N VAL A 262 -5.35 -12.06 4.29
CA VAL A 262 -6.48 -12.67 4.96
C VAL A 262 -7.24 -11.54 5.66
N VAL A 263 -8.53 -11.43 5.32
CA VAL A 263 -9.39 -10.34 5.79
C VAL A 263 -9.22 -10.13 7.29
N THR A 264 -9.07 -8.88 7.71
CA THR A 264 -8.87 -8.53 9.10
C THR A 264 -9.91 -7.49 9.49
N GLU A 265 -10.22 -7.44 10.79
CA GLU A 265 -11.14 -6.43 11.30
C GLU A 265 -10.59 -5.03 11.03
N VAL A 266 -11.50 -4.08 10.82
CA VAL A 266 -11.08 -2.70 10.59
C VAL A 266 -10.24 -2.21 11.76
N THR A 267 -10.65 -2.53 12.99
CA THR A 267 -9.94 -2.10 14.18
C THR A 267 -10.27 -3.07 15.30
N ASP A 268 -9.61 -2.90 16.44
CA ASP A 268 -9.87 -3.79 17.60
C ASP A 268 -11.35 -3.70 17.97
N ALA A 269 -12.02 -4.84 18.11
CA ALA A 269 -13.45 -4.86 18.47
C ALA A 269 -13.61 -4.33 19.89
N ARG A 270 -14.74 -3.69 20.18
CA ARG A 270 -15.02 -3.19 21.56
C ARG A 270 -16.42 -3.67 21.95
N LYS A 271 -16.68 -3.77 23.26
CA LYS A 271 -17.97 -4.35 23.72
C LYS A 271 -19.16 -3.68 23.03
N SER A 272 -19.25 -2.35 23.08
CA SER A 272 -20.42 -1.67 22.55
C SER A 272 -19.99 -0.31 22.00
N ILE A 273 -20.84 0.26 21.14
CA ILE A 273 -20.55 1.57 20.57
C ILE A 273 -20.44 2.64 21.67
N THR A 274 -20.94 2.35 22.87
CA THR A 274 -20.84 3.27 24.00
C THR A 274 -19.82 2.79 25.04
N ASP A 275 -18.91 1.90 24.66
CA ASP A 275 -17.95 1.32 25.58
C ASP A 275 -16.67 2.16 25.57
N THR A 276 -16.37 2.78 26.71
CA THR A 276 -15.17 3.60 26.87
C THR A 276 -14.29 2.99 27.95
N PRO A 277 -13.07 2.56 27.64
CA PRO A 277 -12.15 2.14 28.70
C PRO A 277 -11.78 3.31 29.60
N HIS A 278 -12.25 3.28 30.85
CA HIS A 278 -12.07 4.39 31.77
C HIS A 278 -11.89 3.84 33.18
N PRO A 279 -11.16 4.56 34.04
CA PRO A 279 -11.07 4.16 35.44
C PRO A 279 -12.43 4.26 36.12
N GLU A 280 -12.66 3.36 37.07
CA GLU A 280 -13.92 3.33 37.81
C GLU A 280 -13.96 4.43 38.87
N LEU B 1 25.89 -38.30 -23.65
CA LEU B 1 24.48 -38.56 -23.38
C LEU B 1 23.79 -37.29 -22.90
N SER B 2 22.47 -37.34 -22.75
CA SER B 2 21.68 -36.16 -22.39
C SER B 2 20.68 -36.54 -21.32
N LEU B 3 20.91 -36.08 -20.08
CA LEU B 3 19.99 -36.29 -18.99
C LEU B 3 18.81 -35.32 -19.09
N LEU B 4 17.60 -35.83 -18.95
CA LEU B 4 16.39 -35.01 -19.09
C LEU B 4 15.34 -35.51 -18.10
N TYR B 5 15.09 -34.74 -17.04
CA TYR B 5 13.92 -34.94 -16.22
C TYR B 5 12.72 -34.30 -16.91
N HIS B 6 11.76 -35.14 -17.29
CA HIS B 6 10.45 -34.68 -17.78
C HIS B 6 9.58 -34.40 -16.56
N LEU B 7 9.69 -33.17 -16.05
CA LEU B 7 8.79 -32.69 -15.02
C LEU B 7 7.39 -32.52 -15.61
N THR B 8 6.37 -32.91 -14.85
CA THR B 8 5.00 -32.69 -15.30
C THR B 8 4.12 -32.55 -14.08
N ALA B 9 3.08 -31.71 -14.20
CA ALA B 9 2.13 -31.52 -13.13
C ALA B 9 0.82 -31.02 -13.72
N VAL B 10 -0.27 -31.29 -13.01
CA VAL B 10 -1.61 -30.90 -13.42
C VAL B 10 -2.24 -30.09 -12.29
N SER B 11 -2.76 -28.91 -12.61
CA SER B 11 -3.39 -28.08 -11.61
C SER B 11 -4.62 -28.74 -11.01
N SER B 12 -5.43 -29.39 -11.86
CA SER B 12 -6.62 -30.10 -11.43
C SER B 12 -6.55 -31.54 -11.94
N PRO B 13 -5.89 -32.44 -11.20
CA PRO B 13 -5.76 -33.85 -11.58
C PRO B 13 -7.11 -34.55 -11.74
N PRO B 18 -2.09 -38.15 -9.00
CA PRO B 18 -0.85 -37.75 -9.67
C PRO B 18 -0.80 -36.26 -9.98
N ALA B 19 -0.77 -35.44 -8.93
CA ALA B 19 -0.69 -33.99 -9.13
C ALA B 19 0.63 -33.60 -9.76
N PHE B 20 1.72 -34.23 -9.36
CA PHE B 20 3.06 -33.89 -9.87
C PHE B 20 3.86 -35.17 -10.03
N TRP B 21 4.55 -35.31 -11.16
CA TRP B 21 5.34 -36.50 -11.41
C TRP B 21 6.49 -36.17 -12.35
N VAL B 22 7.62 -36.82 -12.11
CA VAL B 22 8.85 -36.61 -12.88
C VAL B 22 9.26 -37.90 -13.54
N SER B 23 9.73 -37.79 -14.78
CA SER B 23 10.24 -38.93 -15.56
C SER B 23 11.69 -38.60 -15.94
N GLY B 24 12.61 -38.97 -15.06
CA GLY B 24 14.02 -38.76 -15.34
C GLY B 24 14.54 -39.79 -16.33
N TRP B 25 15.02 -39.35 -17.49
CA TRP B 25 15.60 -40.18 -18.52
C TRP B 25 17.08 -39.85 -18.62
N LEU B 26 17.94 -40.78 -18.22
CA LEU B 26 19.37 -40.69 -18.48
C LEU B 26 19.60 -41.34 -19.84
N GLY B 27 19.53 -40.53 -20.89
CA GLY B 27 19.48 -41.05 -22.25
C GLY B 27 18.07 -41.47 -22.61
N PRO B 28 17.93 -42.22 -23.71
CA PRO B 28 16.60 -42.68 -24.12
C PRO B 28 15.92 -43.58 -23.10
N GLN B 29 16.69 -44.23 -22.23
CA GLN B 29 16.13 -45.07 -21.18
C GLN B 29 15.67 -44.20 -20.01
N GLN B 30 14.54 -44.58 -19.41
CA GLN B 30 14.02 -43.89 -18.25
C GLN B 30 14.54 -44.56 -16.99
N TYR B 31 15.09 -43.77 -16.06
CA TYR B 31 15.66 -44.30 -14.83
C TYR B 31 15.00 -43.78 -13.56
N LEU B 32 14.21 -42.71 -13.63
CA LEU B 32 13.57 -42.16 -12.44
C LEU B 32 12.09 -41.94 -12.68
N SER B 33 11.26 -42.39 -11.75
CA SER B 33 9.81 -42.22 -11.81
C SER B 33 9.35 -41.64 -10.47
N TYR B 34 9.40 -40.33 -10.34
CA TYR B 34 9.00 -39.64 -9.13
C TYR B 34 7.52 -39.29 -9.19
N ASN B 35 6.85 -39.39 -8.05
CA ASN B 35 5.43 -39.10 -7.97
C ASN B 35 5.15 -38.22 -6.75
N SER B 36 4.08 -37.43 -6.85
CA SER B 36 3.74 -36.52 -5.75
C SER B 36 3.16 -37.29 -4.57
N LEU B 37 2.33 -38.31 -4.84
CA LEU B 37 1.74 -39.09 -3.76
C LEU B 37 2.82 -39.82 -2.97
N ARG B 38 3.79 -40.42 -3.64
CA ARG B 38 4.87 -41.11 -2.95
C ARG B 38 5.80 -40.12 -2.25
N GLY B 39 6.14 -39.03 -2.92
CA GLY B 39 7.06 -38.06 -2.35
C GLY B 39 8.50 -38.49 -2.31
N GLU B 40 8.86 -39.57 -3.01
CA GLU B 40 10.21 -40.08 -3.02
C GLU B 40 10.64 -40.38 -4.45
N ALA B 41 11.95 -40.29 -4.69
CA ALA B 41 12.51 -40.51 -6.02
C ALA B 41 12.66 -42.01 -6.25
N GLU B 42 11.54 -42.63 -6.61
CA GLU B 42 11.52 -44.06 -6.87
C GLU B 42 12.06 -44.34 -8.27
N PRO B 43 13.09 -45.19 -8.41
CA PRO B 43 13.68 -45.53 -9.71
C PRO B 43 12.74 -46.35 -10.58
N TYR B 56 22.40 -40.66 -2.36
CA TYR B 56 22.13 -40.20 -3.71
C TYR B 56 20.64 -39.95 -3.93
N TRP B 57 19.83 -40.96 -3.62
CA TRP B 57 18.38 -40.84 -3.83
C TRP B 57 17.76 -39.82 -2.90
N GLU B 58 18.31 -39.65 -1.69
CA GLU B 58 17.76 -38.67 -0.76
C GLU B 58 17.92 -37.24 -1.28
N LYS B 59 19.10 -36.92 -1.82
CA LYS B 59 19.34 -35.59 -2.35
C LYS B 59 18.45 -35.30 -3.55
N GLU B 60 18.33 -36.28 -4.45
CA GLU B 60 17.43 -36.12 -5.60
C GLU B 60 15.98 -36.00 -5.16
N THR B 61 15.59 -36.73 -4.12
CA THR B 61 14.24 -36.60 -3.59
C THR B 61 13.99 -35.19 -3.05
N THR B 62 14.96 -34.63 -2.33
CA THR B 62 14.81 -33.27 -1.82
C THR B 62 14.72 -32.27 -2.96
N ASP B 63 15.57 -32.43 -3.98
CA ASP B 63 15.53 -31.51 -5.12
C ASP B 63 14.20 -31.61 -5.84
N LEU B 64 13.67 -32.81 -6.02
CA LEU B 64 12.40 -32.96 -6.72
C LEU B 64 11.23 -32.51 -5.85
N ARG B 65 11.35 -32.58 -4.53
CA ARG B 65 10.36 -31.96 -3.67
C ARG B 65 10.37 -30.45 -3.82
N ILE B 66 11.55 -29.85 -3.94
CA ILE B 66 11.65 -28.42 -4.22
C ILE B 66 10.99 -28.10 -5.56
N LYS B 67 11.23 -28.95 -6.57
CA LYS B 67 10.61 -28.75 -7.87
C LYS B 67 9.09 -28.89 -7.79
N GLU B 68 8.61 -29.84 -6.99
CA GLU B 68 7.17 -30.00 -6.80
C GLU B 68 6.55 -28.78 -6.16
N LYS B 69 7.21 -28.23 -5.14
CA LYS B 69 6.73 -27.00 -4.51
C LYS B 69 6.73 -25.84 -5.50
N LEU B 70 7.78 -25.75 -6.32
CA LEU B 70 7.82 -24.72 -7.35
C LEU B 70 6.69 -24.86 -8.35
N PHE B 71 6.38 -26.10 -8.76
CA PHE B 71 5.28 -26.33 -9.68
C PHE B 71 3.93 -25.99 -9.06
N LEU B 72 3.76 -26.30 -7.78
CA LEU B 72 2.52 -25.91 -7.09
C LEU B 72 2.38 -24.39 -7.01
N GLU B 73 3.48 -23.70 -6.70
CA GLU B 73 3.43 -22.24 -6.68
C GLU B 73 3.21 -21.67 -8.07
N ALA B 74 3.70 -22.35 -9.11
CA ALA B 74 3.42 -21.93 -10.48
C ALA B 74 1.95 -22.09 -10.81
N PHE B 75 1.34 -23.20 -10.37
CA PHE B 75 -0.09 -23.36 -10.55
C PHE B 75 -0.87 -22.26 -9.85
N LYS B 76 -0.42 -21.89 -8.65
CA LYS B 76 -1.01 -20.75 -7.97
C LYS B 76 -0.74 -19.44 -8.69
N ALA B 77 0.35 -19.38 -9.46
CA ALA B 77 0.74 -18.14 -10.12
C ALA B 77 -0.16 -17.80 -11.30
N LEU B 78 -0.74 -18.80 -11.93
CA LEU B 78 -1.58 -18.58 -13.09
C LEU B 78 -2.95 -18.07 -12.65
N GLY B 79 -3.37 -16.93 -13.22
CA GLY B 79 -4.64 -16.35 -12.83
C GLY B 79 -5.85 -17.13 -13.31
N GLY B 80 -5.73 -17.77 -14.46
CA GLY B 80 -6.85 -18.52 -15.00
C GLY B 80 -7.23 -19.70 -14.13
N LYS B 81 -8.52 -19.99 -14.08
CA LYS B 81 -9.04 -21.11 -13.30
C LYS B 81 -9.14 -22.40 -14.10
N GLY B 82 -8.79 -22.37 -15.39
CA GLY B 82 -8.84 -23.55 -16.23
C GLY B 82 -7.71 -24.51 -15.91
N PRO B 83 -7.78 -25.73 -16.47
CA PRO B 83 -6.71 -26.69 -16.25
C PRO B 83 -5.40 -26.22 -16.86
N TYR B 84 -4.29 -26.56 -16.18
CA TYR B 84 -2.96 -26.20 -16.64
C TYR B 84 -2.05 -27.41 -16.48
N THR B 85 -1.58 -27.96 -17.60
CA THR B 85 -0.69 -29.12 -17.60
C THR B 85 0.74 -28.63 -17.79
N LEU B 86 1.37 -28.25 -16.67
CA LEU B 86 2.73 -27.74 -16.72
C LEU B 86 3.72 -28.87 -16.98
N GLN B 87 4.71 -28.61 -17.82
CA GLN B 87 5.74 -29.59 -18.17
C GLN B 87 7.09 -28.90 -18.21
N GLY B 88 8.15 -29.70 -18.14
CA GLY B 88 9.50 -29.19 -18.20
C GLY B 88 10.47 -30.29 -18.55
N LEU B 89 11.63 -29.89 -19.08
CA LEU B 89 12.63 -30.80 -19.61
C LEU B 89 13.99 -30.51 -18.99
N LEU B 90 14.02 -30.45 -17.67
CA LEU B 90 15.19 -29.96 -16.95
C LEU B 90 16.34 -30.95 -17.02
N GLY B 91 17.54 -30.46 -17.29
CA GLY B 91 18.69 -31.34 -17.31
C GLY B 91 19.88 -30.71 -18.00
N CYS B 92 20.93 -31.51 -18.13
CA CYS B 92 22.17 -31.10 -18.75
C CYS B 92 22.63 -32.15 -19.74
N GLU B 93 23.20 -31.70 -20.86
CA GLU B 93 23.65 -32.58 -21.92
C GLU B 93 25.17 -32.52 -22.00
N LEU B 94 25.82 -33.63 -21.71
CA LEU B 94 27.28 -33.71 -21.78
C LEU B 94 27.73 -34.73 -22.83
N VAL B 101 25.94 -29.21 -21.16
CA VAL B 101 25.22 -27.95 -21.25
C VAL B 101 23.81 -28.11 -20.67
N PRO B 102 23.46 -27.24 -19.72
CA PRO B 102 22.12 -27.30 -19.12
C PRO B 102 21.04 -27.02 -20.15
N THR B 103 19.90 -27.69 -19.97
CA THR B 103 18.75 -27.55 -20.87
C THR B 103 17.50 -27.39 -20.02
N ALA B 104 16.89 -26.21 -20.07
CA ALA B 104 15.67 -25.90 -19.33
C ALA B 104 14.63 -25.38 -20.31
N LYS B 105 13.53 -26.11 -20.45
CA LYS B 105 12.45 -25.75 -21.36
C LYS B 105 11.12 -26.09 -20.69
N PHE B 106 10.38 -25.07 -20.27
CA PHE B 106 9.09 -25.27 -19.62
C PHE B 106 7.96 -25.00 -20.61
N ALA B 107 6.94 -25.86 -20.57
CA ALA B 107 5.79 -25.78 -21.46
C ALA B 107 4.52 -25.73 -20.64
N LEU B 108 3.60 -24.83 -21.02
CA LEU B 108 2.29 -24.74 -20.43
C LEU B 108 1.26 -25.25 -21.42
N ASN B 109 0.39 -26.16 -20.96
CA ASN B 109 -0.65 -26.75 -21.80
C ASN B 109 -0.05 -27.36 -23.08
N GLY B 110 1.12 -27.97 -22.94
CA GLY B 110 1.78 -28.59 -24.08
C GLY B 110 2.38 -27.64 -25.09
N GLU B 111 2.63 -26.39 -24.70
CA GLU B 111 3.29 -25.44 -25.59
C GLU B 111 4.39 -24.72 -24.81
N GLU B 112 5.61 -24.72 -25.36
CA GLU B 112 6.73 -24.11 -24.65
C GLU B 112 6.47 -22.63 -24.43
N PHE B 113 6.67 -22.17 -23.19
CA PHE B 113 6.28 -20.80 -22.85
C PHE B 113 7.41 -20.04 -22.16
N MET B 114 8.30 -20.75 -21.47
CA MET B 114 9.40 -20.09 -20.80
C MET B 114 10.63 -20.99 -20.78
N ASN B 115 11.78 -20.36 -20.61
CA ASN B 115 13.06 -21.04 -20.44
C ASN B 115 13.83 -20.34 -19.34
N PHE B 116 14.72 -21.09 -18.69
CA PHE B 116 15.53 -20.56 -17.59
C PHE B 116 16.85 -20.04 -18.16
N ASP B 117 17.03 -18.73 -18.12
CA ASP B 117 18.30 -18.12 -18.54
C ASP B 117 19.34 -18.33 -17.46
N LEU B 118 20.42 -19.04 -17.81
CA LEU B 118 21.48 -19.33 -16.86
C LEU B 118 22.27 -18.08 -16.48
N LYS B 119 22.53 -17.20 -17.46
CA LYS B 119 23.24 -15.97 -17.16
C LYS B 119 22.45 -15.12 -16.16
N GLN B 120 21.28 -14.64 -16.57
CA GLN B 120 20.42 -13.93 -15.63
C GLN B 120 19.89 -14.86 -14.55
N GLY B 121 19.94 -16.17 -14.78
CA GLY B 121 19.56 -17.13 -13.75
C GLY B 121 18.10 -17.04 -13.36
N THR B 122 17.21 -16.88 -14.33
CA THR B 122 15.79 -16.75 -14.02
C THR B 122 14.99 -17.18 -15.23
N TRP B 123 13.77 -17.64 -14.99
CA TRP B 123 12.92 -18.07 -16.07
C TRP B 123 12.33 -16.87 -16.79
N GLY B 124 11.81 -17.11 -17.99
CA GLY B 124 11.16 -16.05 -18.73
C GLY B 124 10.85 -16.46 -20.16
N GLY B 125 10.07 -15.61 -20.80
CA GLY B 125 9.68 -15.82 -22.18
C GLY B 125 8.68 -14.76 -22.59
N ASP B 126 8.24 -14.86 -23.85
CA ASP B 126 7.27 -13.89 -24.36
C ASP B 126 5.90 -14.08 -23.72
N TRP B 127 5.57 -15.29 -23.29
CA TRP B 127 4.27 -15.56 -22.69
C TRP B 127 4.12 -14.78 -21.39
N PRO B 128 2.97 -14.14 -21.13
CA PRO B 128 2.78 -13.50 -19.82
C PRO B 128 2.81 -14.49 -18.67
N GLU B 129 2.23 -15.68 -18.87
CA GLU B 129 2.31 -16.72 -17.85
C GLU B 129 3.75 -17.11 -17.58
N ALA B 130 4.64 -16.99 -18.57
CA ALA B 130 6.05 -17.25 -18.34
C ALA B 130 6.62 -16.32 -17.29
N LEU B 131 6.35 -15.01 -17.43
CA LEU B 131 6.85 -14.06 -16.46
C LEU B 131 6.16 -14.20 -15.11
N ALA B 132 4.87 -14.54 -15.11
CA ALA B 132 4.17 -14.76 -13.85
C ALA B 132 4.79 -15.91 -13.07
N ILE B 133 5.03 -17.04 -13.76
CA ILE B 133 5.60 -18.21 -13.09
C ILE B 133 7.04 -17.93 -12.68
N SER B 134 7.80 -17.24 -13.53
CA SER B 134 9.19 -16.92 -13.20
C SER B 134 9.26 -16.04 -11.96
N GLN B 135 8.41 -15.02 -11.89
CA GLN B 135 8.42 -14.15 -10.71
C GLN B 135 7.96 -14.89 -9.47
N ARG B 136 6.94 -15.75 -9.61
CA ARG B 136 6.47 -16.52 -8.46
C ARG B 136 7.55 -17.44 -7.92
N TRP B 137 8.28 -18.12 -8.82
CA TRP B 137 9.39 -18.95 -8.37
C TRP B 137 10.52 -18.13 -7.81
N GLN B 138 10.73 -16.92 -8.34
CA GLN B 138 11.76 -16.03 -7.80
C GLN B 138 11.41 -15.59 -6.38
N GLN B 139 10.10 -15.50 -6.07
CA GLN B 139 9.70 -15.16 -4.71
C GLN B 139 10.17 -16.21 -3.71
N GLN B 140 10.14 -17.48 -4.11
CA GLN B 140 10.62 -18.55 -3.25
C GLN B 140 12.09 -18.35 -2.91
N ASP B 141 12.44 -18.65 -1.66
CA ASP B 141 13.79 -18.36 -1.16
C ASP B 141 14.83 -19.15 -1.94
N LYS B 142 15.68 -18.43 -2.67
CA LYS B 142 16.81 -18.98 -3.41
C LYS B 142 16.39 -20.03 -4.44
N ALA B 143 15.13 -20.01 -4.88
CA ALA B 143 14.66 -21.01 -5.83
C ALA B 143 15.36 -20.88 -7.18
N ALA B 144 15.61 -19.65 -7.63
CA ALA B 144 16.33 -19.46 -8.87
C ALA B 144 17.75 -20.03 -8.78
N ASN B 145 18.42 -19.80 -7.66
CA ASN B 145 19.76 -20.37 -7.46
C ASN B 145 19.72 -21.85 -7.16
N LYS B 146 18.63 -22.35 -6.57
CA LYS B 146 18.44 -23.79 -6.49
C LYS B 146 18.37 -24.41 -7.87
N GLU B 147 17.65 -23.76 -8.79
CA GLU B 147 17.60 -24.22 -10.17
C GLU B 147 18.97 -24.12 -10.83
N LEU B 148 19.72 -23.04 -10.53
CA LEU B 148 21.06 -22.90 -11.07
C LEU B 148 21.95 -24.05 -10.64
N THR B 149 21.91 -24.40 -9.35
CA THR B 149 22.70 -25.53 -8.86
C THR B 149 22.21 -26.84 -9.46
N PHE B 150 20.89 -26.98 -9.63
CA PHE B 150 20.34 -28.21 -10.19
C PHE B 150 20.79 -28.42 -11.63
N LEU B 151 20.78 -27.36 -12.44
CA LEU B 151 21.09 -27.48 -13.86
C LEU B 151 22.59 -27.46 -14.14
N LEU B 152 23.29 -26.45 -13.63
CA LEU B 152 24.71 -26.30 -13.94
C LEU B 152 25.58 -27.28 -13.18
N PHE B 153 25.17 -27.72 -11.99
CA PHE B 153 26.02 -28.54 -11.15
C PHE B 153 25.42 -29.90 -10.82
N SER B 154 24.15 -29.94 -10.36
CA SER B 154 23.59 -31.20 -9.89
C SER B 154 23.29 -32.15 -11.04
N CYS B 155 22.72 -31.64 -12.13
CA CYS B 155 22.42 -32.50 -13.28
C CYS B 155 23.68 -33.10 -13.90
N PRO B 156 24.73 -32.35 -14.22
CA PRO B 156 25.94 -33.00 -14.73
C PRO B 156 26.60 -33.94 -13.73
N HIS B 157 26.55 -33.61 -12.43
CA HIS B 157 27.11 -34.50 -11.42
C HIS B 157 26.38 -35.83 -11.40
N ARG B 158 25.05 -35.80 -11.42
CA ARG B 158 24.28 -37.03 -11.45
C ARG B 158 24.47 -37.79 -12.76
N LEU B 159 24.59 -37.06 -13.88
CA LEU B 159 24.82 -37.71 -15.16
C LEU B 159 26.14 -38.47 -15.17
N ARG B 160 27.22 -37.81 -14.71
CA ARG B 160 28.52 -38.46 -14.65
C ARG B 160 28.52 -39.62 -13.67
N GLU B 161 27.88 -39.45 -12.51
CA GLU B 161 27.82 -40.52 -11.53
C GLU B 161 27.09 -41.75 -12.07
N HIS B 162 25.99 -41.52 -12.79
CA HIS B 162 25.24 -42.65 -13.34
C HIS B 162 25.96 -43.28 -14.51
N LEU B 163 26.66 -42.49 -15.34
CA LEU B 163 27.44 -43.06 -16.42
C LEU B 163 28.57 -43.93 -15.89
N GLU B 164 29.27 -43.46 -14.85
CA GLU B 164 30.30 -44.29 -14.23
C GLU B 164 29.69 -45.53 -13.58
N ARG B 165 28.56 -45.38 -12.90
CA ARG B 165 27.90 -46.51 -12.26
C ARG B 165 27.26 -47.44 -13.29
N GLY B 166 26.69 -46.87 -14.36
CA GLY B 166 26.07 -47.67 -15.39
C GLY B 166 26.53 -47.31 -16.79
N ASP C 11 -20.04 25.70 -4.38
CA ASP C 11 -21.48 25.85 -4.60
C ASP C 11 -22.09 24.51 -5.02
N ARG C 12 -23.39 24.35 -4.75
CA ARG C 12 -24.08 23.11 -5.07
C ARG C 12 -24.18 22.90 -6.58
N VAL C 13 -24.61 23.93 -7.31
CA VAL C 13 -24.77 23.83 -8.76
C VAL C 13 -23.40 23.94 -9.41
N ARG C 14 -23.22 23.21 -10.53
CA ARG C 14 -21.95 23.23 -11.22
C ARG C 14 -22.12 22.69 -12.64
N SER C 15 -21.20 23.07 -13.52
CA SER C 15 -21.18 22.59 -14.90
C SER C 15 -19.75 22.34 -15.32
N MET C 16 -19.51 21.17 -15.90
CA MET C 16 -18.20 20.79 -16.43
C MET C 16 -18.34 20.48 -17.91
N THR C 17 -17.64 21.23 -18.75
CA THR C 17 -17.71 21.07 -20.20
C THR C 17 -16.33 20.59 -20.69
N LEU C 18 -16.15 19.28 -20.70
CA LEU C 18 -14.91 18.66 -21.16
C LEU C 18 -15.23 17.84 -22.40
N GLY C 19 -14.68 18.27 -23.54
CA GLY C 19 -14.97 17.58 -24.79
C GLY C 19 -16.41 17.77 -25.23
N ASN C 20 -16.89 16.80 -26.02
CA ASN C 20 -18.26 16.87 -26.51
C ASN C 20 -19.27 16.78 -25.37
N SER C 21 -19.02 15.91 -24.40
CA SER C 21 -19.96 15.71 -23.31
C SER C 21 -19.94 16.89 -22.34
N THR C 22 -21.06 17.09 -21.67
CA THR C 22 -21.20 18.15 -20.67
C THR C 22 -21.95 17.60 -19.47
N ILE C 23 -21.40 17.82 -18.27
CA ILE C 23 -21.98 17.32 -17.03
C ILE C 23 -22.56 18.50 -16.26
N THR C 24 -23.85 18.44 -16.00
CA THR C 24 -24.54 19.46 -15.20
C THR C 24 -24.98 18.85 -13.88
N THR C 25 -24.70 19.55 -12.78
CA THR C 25 -25.09 19.10 -11.46
C THR C 25 -25.74 20.25 -10.71
N GLN C 26 -26.61 19.92 -9.76
CA GLN C 26 -27.35 20.92 -9.01
C GLN C 26 -27.07 20.79 -7.51
N GLU C 27 -26.73 19.58 -7.06
CA GLU C 27 -26.46 19.32 -5.65
C GLU C 27 -25.05 18.78 -5.42
N SER C 28 -24.20 18.78 -6.44
CA SER C 28 -22.85 18.26 -6.29
C SER C 28 -22.05 19.11 -5.31
N ALA C 29 -21.16 18.46 -4.58
CA ALA C 29 -20.27 19.15 -3.65
C ALA C 29 -19.12 19.78 -4.45
N ASN C 30 -18.15 20.35 -3.74
CA ASN C 30 -17.03 21.01 -4.39
C ASN C 30 -16.19 19.99 -5.16
N VAL C 31 -15.74 20.40 -6.35
CA VAL C 31 -14.88 19.53 -7.15
C VAL C 31 -13.57 19.29 -6.42
N VAL C 32 -13.17 18.03 -6.32
CA VAL C 32 -11.89 17.66 -5.74
C VAL C 32 -10.87 17.49 -6.87
N VAL C 33 -9.74 18.17 -6.75
CA VAL C 33 -8.60 17.97 -7.64
C VAL C 33 -7.65 17.03 -6.94
N GLY C 34 -7.26 15.95 -7.61
CA GLY C 34 -6.43 14.93 -7.00
C GLY C 34 -5.11 15.50 -6.50
N TYR C 35 -4.99 15.61 -5.18
CA TYR C 35 -3.78 16.09 -4.51
C TYR C 35 -3.45 17.54 -4.86
N GLY C 36 -4.44 18.29 -5.35
CA GLY C 36 -4.28 19.70 -5.61
C GLY C 36 -3.59 20.07 -6.91
N GLU C 37 -3.23 19.08 -7.73
CA GLU C 37 -2.56 19.33 -8.99
C GLU C 37 -3.54 19.15 -10.14
N TRP C 38 -3.81 20.21 -10.87
CA TRP C 38 -4.71 20.13 -12.01
C TRP C 38 -4.05 19.33 -13.14
N PRO C 39 -4.82 18.52 -13.87
CA PRO C 39 -4.24 17.73 -14.96
C PRO C 39 -3.64 18.60 -16.04
N SER C 40 -2.58 18.10 -16.67
CA SER C 40 -1.91 18.81 -17.75
C SER C 40 -1.12 17.81 -18.58
N TYR C 41 -0.76 18.23 -19.79
CA TYR C 41 0.03 17.38 -20.67
C TYR C 41 1.43 17.19 -20.11
N LEU C 42 2.01 16.03 -20.42
CA LEU C 42 3.37 15.72 -19.97
C LEU C 42 4.35 16.74 -20.50
N SER C 43 5.12 17.34 -19.58
CA SER C 43 6.06 18.38 -19.97
C SER C 43 7.29 17.80 -20.64
N ASP C 44 7.96 18.62 -21.45
CA ASP C 44 9.19 18.18 -22.10
C ASP C 44 10.27 17.89 -21.08
N LYS C 45 10.36 18.71 -20.02
CA LYS C 45 11.29 18.41 -18.95
C LYS C 45 10.94 17.10 -18.25
N GLU C 46 9.64 16.80 -18.14
CA GLU C 46 9.18 15.59 -17.48
C GLU C 46 8.99 14.43 -18.45
N ALA C 47 9.26 14.63 -19.74
CA ALA C 47 9.00 13.61 -20.75
C ALA C 47 10.16 12.62 -20.84
N THR C 48 9.83 11.39 -21.21
CA THR C 48 10.83 10.35 -21.43
C THR C 48 10.83 9.80 -22.84
N ALA C 49 9.78 10.02 -23.62
CA ALA C 49 9.68 9.50 -24.98
C ALA C 49 9.71 10.65 -25.98
N GLU C 50 10.25 10.38 -27.16
CA GLU C 50 10.39 11.35 -28.23
C GLU C 50 9.58 10.93 -29.45
N ASP C 51 8.36 10.45 -29.23
CA ASP C 51 7.51 9.93 -30.29
C ASP C 51 6.48 10.96 -30.77
N GLN C 52 6.56 12.20 -30.28
CA GLN C 52 5.62 13.26 -30.62
C GLN C 52 4.19 12.80 -30.33
N PRO C 53 3.80 12.70 -29.06
CA PRO C 53 2.49 12.14 -28.73
C PRO C 53 1.34 12.97 -29.30
N THR C 54 0.30 12.28 -29.74
CA THR C 54 -0.93 12.93 -30.17
C THR C 54 -1.74 13.38 -28.96
N GLN C 55 -2.41 14.53 -29.10
CA GLN C 55 -3.16 15.16 -28.02
C GLN C 55 -4.56 15.49 -28.48
N PRO C 56 -5.47 14.49 -28.50
CA PRO C 56 -6.86 14.78 -28.84
C PRO C 56 -7.55 15.59 -27.74
N ASP C 57 -7.84 16.87 -28.02
CA ASP C 57 -8.39 17.74 -26.99
C ASP C 57 -9.83 17.39 -26.65
N VAL C 58 -10.60 16.92 -27.62
CA VAL C 58 -12.01 16.58 -27.38
C VAL C 58 -12.35 15.15 -27.78
N ALA C 59 -11.58 14.51 -28.66
CA ALA C 59 -11.89 13.15 -29.07
C ALA C 59 -11.75 12.18 -27.90
N THR C 60 -10.70 12.33 -27.10
CA THR C 60 -10.47 11.46 -25.95
C THR C 60 -10.83 12.11 -24.62
N CYS C 61 -10.73 13.44 -24.53
CA CYS C 61 -11.00 14.16 -23.28
C CYS C 61 -12.48 14.50 -23.22
N ARG C 62 -13.29 13.49 -22.90
CA ARG C 62 -14.73 13.69 -22.76
C ARG C 62 -15.26 12.68 -21.75
N PHE C 63 -16.40 13.03 -21.15
CA PHE C 63 -17.01 12.19 -20.12
C PHE C 63 -17.61 10.96 -20.78
N TYR C 64 -16.97 9.80 -20.59
CA TYR C 64 -17.52 8.51 -20.99
C TYR C 64 -18.39 8.01 -19.85
N THR C 65 -19.68 7.80 -20.13
CA THR C 65 -20.61 7.28 -19.16
C THR C 65 -20.49 5.76 -19.07
N LEU C 66 -20.06 5.26 -17.92
CA LEU C 66 -20.00 3.83 -17.71
C LEU C 66 -21.38 3.28 -17.35
N GLU C 67 -21.48 1.96 -17.26
CA GLU C 67 -22.75 1.32 -16.97
C GLU C 67 -23.25 1.73 -15.59
N SER C 68 -24.55 2.02 -15.51
CA SER C 68 -25.15 2.41 -14.25
C SER C 68 -25.17 1.22 -13.29
N VAL C 69 -24.83 1.49 -12.03
CA VAL C 69 -24.79 0.46 -10.99
C VAL C 69 -25.81 0.83 -9.93
N GLN C 70 -26.70 -0.12 -9.62
CA GLN C 70 -27.75 0.12 -8.64
C GLN C 70 -27.17 0.07 -7.23
N TRP C 71 -27.41 1.12 -6.46
CA TRP C 71 -27.05 1.13 -5.04
C TRP C 71 -28.11 0.36 -4.28
N GLU C 72 -27.74 -0.82 -3.78
CA GLU C 72 -28.66 -1.67 -3.07
C GLU C 72 -28.50 -1.50 -1.56
N LYS C 73 -29.51 -1.96 -0.82
CA LYS C 73 -29.44 -1.92 0.64
C LYS C 73 -28.30 -2.80 1.16
N SER C 74 -28.01 -3.90 0.48
CA SER C 74 -26.94 -4.82 0.86
C SER C 74 -25.70 -4.67 -0.01
N SER C 75 -25.57 -3.59 -0.78
CA SER C 75 -24.42 -3.41 -1.66
C SER C 75 -23.17 -3.11 -0.84
N PRO C 76 -22.12 -3.93 -0.94
CA PRO C 76 -20.88 -3.57 -0.22
C PRO C 76 -20.11 -2.44 -0.86
N GLY C 77 -20.01 -2.41 -2.17
CA GLY C 77 -19.27 -1.38 -2.86
C GLY C 77 -18.85 -1.86 -4.24
N TRP C 78 -18.02 -1.05 -4.90
CA TRP C 78 -17.58 -1.34 -6.26
C TRP C 78 -16.23 -0.66 -6.48
N TRP C 79 -15.57 -1.10 -7.55
CA TRP C 79 -14.27 -0.50 -7.94
C TRP C 79 -14.13 -0.61 -9.45
N TRP C 80 -13.72 0.47 -10.10
CA TRP C 80 -13.46 0.45 -11.57
C TRP C 80 -11.97 0.73 -11.65
N LYS C 81 -11.27 0.09 -12.61
CA LYS C 81 -9.85 0.42 -12.92
C LYS C 81 -10.00 1.39 -14.08
N PHE C 82 -9.80 2.69 -13.85
CA PHE C 82 -10.16 3.68 -14.90
C PHE C 82 -9.50 3.61 -16.26
N PRO C 83 -8.16 3.58 -16.44
CA PRO C 83 -7.62 3.57 -17.79
C PRO C 83 -8.24 2.33 -18.42
N GLU C 84 -8.29 1.21 -17.69
CA GLU C 84 -8.79 -0.06 -18.24
C GLU C 84 -10.31 -0.03 -18.51
N ALA C 85 -11.11 0.43 -17.55
CA ALA C 85 -12.58 0.39 -17.71
C ALA C 85 -12.95 1.05 -19.04
N LEU C 86 -12.23 2.12 -19.41
CA LEU C 86 -12.59 2.87 -20.64
C LEU C 86 -12.11 2.17 -21.90
N LYS C 87 -11.63 0.92 -21.82
CA LYS C 87 -11.29 0.25 -23.08
C LYS C 87 -12.55 0.02 -23.91
N ASN C 88 -12.35 -0.07 -25.22
CA ASN C 88 -13.40 -0.25 -26.22
C ASN C 88 -14.59 0.66 -25.96
N MET C 89 -14.32 1.88 -25.47
CA MET C 89 -15.36 2.87 -25.20
C MET C 89 -14.86 4.19 -25.76
N GLY C 90 -15.12 4.42 -27.04
CA GLY C 90 -14.74 5.65 -27.69
C GLY C 90 -13.29 5.71 -28.11
N LEU C 91 -12.92 6.90 -28.61
CA LEU C 91 -11.58 7.09 -29.14
C LEU C 91 -10.51 7.05 -28.05
N PHE C 92 -10.88 7.28 -26.78
CA PHE C 92 -9.92 7.08 -25.71
C PHE C 92 -9.49 5.62 -25.64
N GLY C 93 -10.46 4.70 -25.68
CA GLY C 93 -10.12 3.29 -25.73
C GLY C 93 -9.41 2.90 -27.01
N GLN C 94 -9.80 3.50 -28.13
CA GLN C 94 -9.11 3.22 -29.38
C GLN C 94 -7.65 3.62 -29.31
N ASN C 95 -7.36 4.80 -28.76
CA ASN C 95 -5.98 5.25 -28.62
C ASN C 95 -5.23 4.44 -27.57
N MET C 96 -5.94 3.93 -26.55
CA MET C 96 -5.33 2.96 -25.64
C MET C 96 -4.86 1.74 -26.40
N HIS C 97 -5.70 1.21 -27.29
CA HIS C 97 -5.32 0.04 -28.07
C HIS C 97 -4.16 0.37 -29.00
N TYR C 98 -4.19 1.53 -29.65
CA TYR C 98 -3.25 1.86 -30.70
C TYR C 98 -1.96 2.52 -30.22
N HIS C 99 -1.82 2.79 -28.92
CA HIS C 99 -0.63 3.44 -28.41
C HIS C 99 -0.03 2.64 -27.26
N TYR C 100 1.30 2.47 -27.29
CA TYR C 100 1.99 1.76 -26.22
C TYR C 100 1.98 2.57 -24.93
N LEU C 101 2.33 3.85 -25.01
CA LEU C 101 2.33 4.73 -23.85
C LEU C 101 1.06 5.57 -23.80
N GLY C 102 0.72 6.04 -22.60
CA GLY C 102 -0.45 6.87 -22.41
C GLY C 102 -0.45 7.62 -21.10
N ARG C 103 -0.73 8.92 -21.16
CA ARG C 103 -0.88 9.76 -19.98
C ARG C 103 -2.18 10.54 -20.07
N ALA C 104 -2.94 10.57 -18.98
CA ALA C 104 -4.21 11.30 -18.96
C ALA C 104 -4.57 11.64 -17.52
N GLY C 105 -5.22 12.80 -17.37
CA GLY C 105 -5.78 13.21 -16.11
C GLY C 105 -7.29 13.05 -16.16
N TYR C 106 -7.82 12.22 -15.27
CA TYR C 106 -9.20 11.77 -15.34
C TYR C 106 -10.06 12.57 -14.37
N THR C 107 -11.11 13.20 -14.89
CA THR C 107 -12.12 13.86 -14.08
C THR C 107 -13.30 12.91 -13.99
N ILE C 108 -13.47 12.30 -12.81
CA ILE C 108 -14.49 11.29 -12.58
C ILE C 108 -15.68 11.98 -11.91
N HIS C 109 -16.77 12.09 -12.64
CA HIS C 109 -18.06 12.52 -12.09
C HIS C 109 -18.93 11.28 -11.90
N VAL C 110 -19.15 10.90 -10.65
CA VAL C 110 -20.02 9.80 -10.30
C VAL C 110 -21.37 10.39 -9.89
N GLN C 111 -22.42 10.09 -10.65
CA GLN C 111 -23.74 10.64 -10.40
C GLN C 111 -24.60 9.58 -9.74
N CYS C 112 -24.99 9.83 -8.48
CA CYS C 112 -25.86 8.94 -7.72
C CYS C 112 -27.01 9.79 -7.19
N ASN C 113 -28.03 9.98 -8.02
CA ASN C 113 -29.15 10.84 -7.66
C ASN C 113 -30.15 10.08 -6.81
N ALA C 114 -30.69 10.78 -5.80
CA ALA C 114 -31.70 10.19 -4.93
C ALA C 114 -32.57 11.32 -4.38
N SER C 115 -33.75 10.94 -3.91
CA SER C 115 -34.68 11.91 -3.37
C SER C 115 -34.25 12.32 -1.96
N LYS C 116 -34.98 13.27 -1.39
CA LYS C 116 -34.69 13.75 -0.05
C LYS C 116 -35.04 12.71 1.03
N PHE C 117 -35.71 11.62 0.67
CA PHE C 117 -36.09 10.59 1.61
C PHE C 117 -35.18 9.36 1.54
N HIS C 118 -34.01 9.49 0.92
CA HIS C 118 -33.06 8.38 0.79
C HIS C 118 -31.86 8.62 1.70
N GLN C 119 -31.45 7.57 2.41
CA GLN C 119 -30.36 7.62 3.37
C GLN C 119 -29.16 6.84 2.83
N GLY C 120 -27.98 7.39 3.03
CA GLY C 120 -26.76 6.68 2.68
C GLY C 120 -25.64 7.64 2.32
N CYS C 121 -24.42 7.10 2.33
CA CYS C 121 -23.25 7.86 1.93
C CYS C 121 -22.22 6.91 1.34
N LEU C 122 -21.62 7.31 0.23
CA LEU C 122 -20.63 6.53 -0.49
C LEU C 122 -19.29 7.24 -0.45
N LEU C 123 -18.25 6.52 -0.05
CA LEU C 123 -16.88 6.97 -0.25
C LEU C 123 -16.52 6.69 -1.70
N VAL C 124 -16.61 7.73 -2.52
CA VAL C 124 -16.19 7.64 -3.93
C VAL C 124 -14.76 8.15 -3.98
N VAL C 125 -13.81 7.24 -3.75
CA VAL C 125 -12.41 7.57 -3.61
C VAL C 125 -11.65 7.04 -4.81
N CYS C 126 -10.82 7.88 -5.41
CA CYS C 126 -9.92 7.46 -6.47
C CYS C 126 -8.57 7.13 -5.83
N VAL C 127 -8.24 5.84 -5.79
CA VAL C 127 -7.04 5.34 -5.14
C VAL C 127 -6.02 5.01 -6.23
N PRO C 128 -4.96 5.79 -6.38
CA PRO C 128 -3.92 5.45 -7.38
C PRO C 128 -3.22 4.14 -7.02
N GLU C 129 -3.05 3.30 -8.03
CA GLU C 129 -2.36 2.01 -7.90
C GLU C 129 -2.93 1.19 -6.74
N ALA C 130 -4.25 1.11 -6.67
CA ALA C 130 -4.90 0.35 -5.60
C ALA C 130 -4.73 -1.13 -5.89
N GLU C 131 -3.54 -1.64 -5.57
CA GLU C 131 -3.22 -3.05 -5.77
C GLU C 131 -4.10 -3.89 -4.84
N MET C 132 -5.03 -4.64 -5.43
CA MET C 132 -5.99 -5.42 -4.65
C MET C 132 -5.38 -6.74 -4.20
N GLY C 133 -5.93 -7.28 -3.11
CA GLY C 133 -5.53 -8.59 -2.64
C GLY C 133 -6.39 -9.71 -3.20
N CYS C 134 -5.88 -10.93 -3.05
CA CYS C 134 -6.54 -12.11 -3.57
C CYS C 134 -7.29 -12.84 -2.47
N ALA C 135 -8.43 -13.44 -2.83
CA ALA C 135 -9.22 -14.17 -1.84
C ALA C 135 -8.45 -15.34 -1.27
N ASP C 136 -7.77 -16.11 -2.12
CA ASP C 136 -6.77 -17.08 -1.68
C ASP C 136 -5.40 -16.41 -1.79
N THR C 137 -4.78 -16.13 -0.65
CA THR C 137 -3.59 -15.28 -0.62
C THR C 137 -2.45 -15.90 -1.41
N SER C 138 -2.34 -17.23 -1.41
CA SER C 138 -1.23 -17.89 -2.07
C SER C 138 -1.23 -17.61 -3.57
N THR C 139 -2.40 -17.67 -4.19
CA THR C 139 -2.50 -17.51 -5.64
C THR C 139 -2.72 -16.03 -5.97
N THR C 140 -2.85 -15.73 -7.26
CA THR C 140 -3.18 -14.38 -7.71
C THR C 140 -4.35 -14.47 -8.68
N PHE C 141 -5.32 -13.57 -8.50
CA PHE C 141 -6.53 -13.51 -9.30
C PHE C 141 -6.22 -13.23 -10.77
N PRO C 142 -7.10 -13.62 -11.68
CA PRO C 142 -6.94 -13.23 -13.08
C PRO C 142 -7.40 -11.80 -13.31
N ALA C 143 -7.12 -11.30 -14.52
CA ALA C 143 -7.53 -9.94 -14.87
C ALA C 143 -9.04 -9.79 -14.94
N THR C 144 -9.77 -10.88 -15.19
CA THR C 144 -11.23 -10.82 -15.23
C THR C 144 -11.85 -10.52 -13.88
N GLU C 145 -11.08 -10.60 -12.80
CA GLU C 145 -11.57 -10.31 -11.46
C GLU C 145 -11.29 -8.88 -11.02
N LEU C 146 -10.16 -8.30 -11.45
CA LEU C 146 -9.87 -6.90 -11.12
C LEU C 146 -10.60 -5.95 -12.06
N THR C 147 -10.28 -6.02 -13.36
CA THR C 147 -10.81 -5.05 -14.30
C THR C 147 -12.27 -5.34 -14.59
N THR C 148 -13.04 -4.28 -14.83
CA THR C 148 -14.45 -4.40 -15.13
C THR C 148 -14.66 -5.24 -16.38
N GLU C 149 -15.55 -6.25 -16.29
CA GLU C 149 -15.80 -7.20 -17.36
C GLU C 149 -17.31 -7.27 -17.58
N GLU C 150 -17.81 -6.39 -18.44
CA GLU C 150 -19.23 -6.19 -18.79
C GLU C 150 -20.01 -5.62 -17.62
N GLU C 151 -19.39 -5.40 -16.48
CA GLU C 151 -20.04 -4.94 -15.26
C GLU C 151 -18.96 -4.55 -14.26
N PRO C 152 -19.17 -3.52 -13.45
CA PRO C 152 -18.17 -3.18 -12.43
C PRO C 152 -18.05 -4.29 -11.40
N HIS C 153 -16.85 -4.40 -10.83
CA HIS C 153 -16.61 -5.41 -9.81
C HIS C 153 -17.08 -4.90 -8.46
N VAL C 154 -17.73 -5.80 -7.71
CA VAL C 154 -18.50 -5.44 -6.53
C VAL C 154 -17.82 -6.03 -5.30
N PHE C 155 -17.68 -5.22 -4.27
CA PHE C 155 -17.10 -5.70 -3.02
C PHE C 155 -18.03 -6.74 -2.38
N THR C 156 -17.52 -7.39 -1.34
CA THR C 156 -18.29 -8.38 -0.59
C THR C 156 -18.31 -7.99 0.88
N SER C 157 -19.47 -8.22 1.52
CA SER C 157 -19.65 -7.78 2.91
C SER C 157 -18.69 -8.51 3.85
N ASP C 158 -18.46 -9.79 3.61
CA ASP C 158 -17.61 -10.60 4.47
C ASP C 158 -16.48 -11.22 3.66
N SER C 159 -15.67 -12.05 4.32
CA SER C 159 -14.55 -12.70 3.68
C SER C 159 -15.02 -13.71 2.63
N ILE C 160 -14.31 -13.76 1.52
CA ILE C 160 -14.61 -14.70 0.43
C ILE C 160 -13.36 -15.48 0.10
N THR C 161 -13.56 -16.62 -0.55
CA THR C 161 -12.48 -17.52 -0.94
C THR C 161 -12.50 -17.72 -2.45
N GLY C 162 -11.66 -18.64 -2.92
CA GLY C 162 -11.54 -18.93 -4.33
C GLY C 162 -10.48 -18.08 -5.01
N LYS C 163 -10.14 -18.46 -6.24
CA LYS C 163 -9.13 -17.75 -7.01
C LYS C 163 -9.71 -16.49 -7.64
N LYS C 164 -10.13 -15.58 -6.78
CA LYS C 164 -10.73 -14.31 -7.16
C LYS C 164 -10.10 -13.18 -6.35
N VAL C 165 -10.41 -11.96 -6.75
CA VAL C 165 -9.96 -10.80 -5.99
C VAL C 165 -10.61 -10.80 -4.61
N GLN C 166 -9.82 -10.51 -3.58
CA GLN C 166 -10.37 -10.41 -2.24
C GLN C 166 -11.20 -9.14 -2.15
N ALA C 167 -12.46 -9.23 -2.56
CA ALA C 167 -13.37 -8.10 -2.58
C ALA C 167 -14.06 -7.86 -1.25
N ALA C 168 -13.48 -8.36 -0.16
CA ALA C 168 -14.04 -8.11 1.16
C ALA C 168 -14.10 -6.61 1.43
N VAL C 169 -15.32 -6.07 1.50
CA VAL C 169 -15.50 -4.66 1.80
C VAL C 169 -15.05 -4.32 3.22
N CYS C 170 -14.79 -5.35 4.03
CA CYS C 170 -14.24 -5.13 5.37
C CYS C 170 -12.98 -4.29 5.31
N ASN C 171 -12.12 -4.53 4.34
CA ASN C 171 -10.92 -3.76 4.11
C ASN C 171 -11.07 -2.93 2.84
N ALA C 172 -10.04 -2.11 2.57
CA ALA C 172 -10.03 -1.29 1.36
C ALA C 172 -9.82 -2.11 0.09
N GLY C 173 -9.51 -3.40 0.22
CA GLY C 173 -9.19 -4.25 -0.90
C GLY C 173 -7.69 -4.47 -1.10
N MET C 174 -6.86 -3.61 -0.53
CA MET C 174 -5.41 -3.78 -0.54
C MET C 174 -4.88 -4.33 0.77
N GLY C 175 -5.75 -4.87 1.61
CA GLY C 175 -5.37 -5.26 2.96
C GLY C 175 -5.34 -4.12 3.94
N VAL C 176 -5.89 -2.96 3.57
CA VAL C 176 -5.79 -1.74 4.36
C VAL C 176 -7.19 -1.32 4.78
N GLY C 177 -7.24 -0.45 5.80
CA GLY C 177 -8.50 0.08 6.27
C GLY C 177 -9.24 0.85 5.20
N VAL C 178 -10.49 0.46 4.94
CA VAL C 178 -11.27 1.13 3.90
C VAL C 178 -11.58 2.57 4.28
N GLY C 179 -11.94 2.80 5.55
CA GLY C 179 -12.24 4.14 5.99
C GLY C 179 -11.05 5.09 5.98
N ASN C 180 -9.84 4.55 5.88
CA ASN C 180 -8.64 5.37 5.77
C ASN C 180 -8.34 5.74 4.33
N LEU C 181 -9.16 5.30 3.37
CA LEU C 181 -8.93 5.57 1.95
C LEU C 181 -9.06 7.05 1.61
N THR C 182 -9.61 7.87 2.52
CA THR C 182 -9.85 9.28 2.21
C THR C 182 -8.55 10.07 2.05
N ILE C 183 -7.39 9.50 2.38
CA ILE C 183 -6.13 10.15 2.07
C ILE C 183 -6.01 10.38 0.56
N PHE C 184 -6.42 9.39 -0.22
CA PHE C 184 -6.51 9.56 -1.66
C PHE C 184 -7.64 10.52 -1.98
N PRO C 185 -7.58 11.18 -3.15
CA PRO C 185 -8.67 12.12 -3.51
C PRO C 185 -10.01 11.41 -3.53
N HIS C 186 -11.03 12.08 -2.98
CA HIS C 186 -12.33 11.46 -2.78
C HIS C 186 -13.39 12.54 -2.72
N GLN C 187 -14.65 12.10 -2.85
CA GLN C 187 -15.79 13.00 -2.67
C GLN C 187 -16.98 12.13 -2.29
N TRP C 188 -17.50 12.33 -1.07
CA TRP C 188 -18.58 11.49 -0.57
C TRP C 188 -19.90 11.85 -1.22
N ILE C 189 -20.63 10.82 -1.66
CA ILE C 189 -21.99 11.01 -2.19
C ILE C 189 -22.94 10.76 -1.02
N ASN C 190 -23.22 11.82 -0.28
CA ASN C 190 -24.24 11.78 0.77
C ASN C 190 -25.56 12.23 0.15
N LEU C 191 -26.53 11.32 0.10
CA LEU C 191 -27.81 11.63 -0.55
C LEU C 191 -28.51 12.81 0.10
N ARG C 192 -28.19 13.11 1.36
CA ARG C 192 -28.67 14.34 1.99
C ARG C 192 -28.12 15.57 1.28
N THR C 193 -26.83 15.55 0.93
CA THR C 193 -26.17 16.70 0.34
C THR C 193 -25.75 16.45 -1.10
N ASN C 194 -24.98 15.39 -1.35
CA ASN C 194 -24.39 15.14 -2.66
C ASN C 194 -25.30 14.24 -3.48
N ASN C 195 -25.70 14.71 -4.66
CA ASN C 195 -26.27 13.84 -5.68
C ASN C 195 -25.21 13.31 -6.62
N SER C 196 -23.96 13.77 -6.48
CA SER C 196 -22.86 13.32 -7.30
C SER C 196 -21.54 13.71 -6.64
N ALA C 197 -20.48 13.06 -7.10
CA ALA C 197 -19.11 13.27 -6.63
C ALA C 197 -18.24 13.61 -7.82
N THR C 198 -17.30 14.53 -7.62
CA THR C 198 -16.43 14.99 -8.70
C THR C 198 -14.99 14.96 -8.22
N ILE C 199 -14.21 14.00 -8.70
CA ILE C 199 -12.81 13.87 -8.31
C ILE C 199 -11.97 14.07 -9.56
N VAL C 200 -11.13 15.10 -9.55
CA VAL C 200 -10.25 15.41 -10.68
C VAL C 200 -8.87 14.89 -10.33
N MET C 201 -8.56 13.66 -10.76
CA MET C 201 -7.26 13.06 -10.54
C MET C 201 -6.33 13.43 -11.68
N PRO C 202 -5.17 14.03 -11.41
CA PRO C 202 -4.17 14.21 -12.45
C PRO C 202 -3.56 12.87 -12.82
N TYR C 203 -2.71 12.89 -13.85
CA TYR C 203 -1.97 11.69 -14.19
C TYR C 203 -1.04 11.34 -13.05
N ILE C 204 -1.30 10.22 -12.38
CA ILE C 204 -0.61 9.84 -11.16
C ILE C 204 0.08 8.51 -11.44
N ASN C 205 1.38 8.56 -11.70
CA ASN C 205 2.15 7.35 -11.95
C ASN C 205 3.62 7.65 -11.69
N SER C 206 4.37 6.59 -11.42
CA SER C 206 5.82 6.73 -11.22
C SER C 206 6.51 7.09 -12.52
N VAL C 207 6.21 6.36 -13.59
CA VAL C 207 6.81 6.60 -14.90
C VAL C 207 6.07 7.75 -15.57
N PRO C 208 6.73 8.50 -16.46
CA PRO C 208 6.01 9.58 -17.17
C PRO C 208 4.84 9.08 -18.00
N MET C 209 4.97 7.89 -18.60
CA MET C 209 3.89 7.30 -19.36
C MET C 209 3.96 5.78 -19.21
N ASP C 210 2.80 5.14 -19.22
CA ASP C 210 2.72 3.69 -19.06
C ASP C 210 1.58 3.15 -19.91
N ASN C 211 1.65 1.86 -20.21
CA ASN C 211 0.60 1.22 -21.00
C ASN C 211 -0.71 1.24 -20.22
N MET C 212 -1.78 1.61 -20.89
CA MET C 212 -3.08 1.77 -20.24
C MET C 212 -3.79 0.44 -20.02
N PHE C 213 -3.37 -0.63 -20.69
CA PHE C 213 -3.86 -1.97 -20.42
C PHE C 213 -2.95 -2.73 -19.46
N ARG C 214 -1.64 -2.66 -19.68
CA ARG C 214 -0.70 -3.31 -18.78
C ARG C 214 -0.77 -2.71 -17.38
N HIS C 215 -0.90 -1.39 -17.29
CA HIS C 215 -0.92 -0.67 -16.03
C HIS C 215 -2.31 -0.12 -15.76
N TYR C 216 -2.81 -0.35 -14.55
CA TYR C 216 -4.05 0.26 -14.08
C TYR C 216 -3.66 1.47 -13.24
N ASN C 217 -3.93 2.67 -13.76
CA ASN C 217 -3.48 3.89 -13.11
C ASN C 217 -4.09 4.04 -11.72
N PHE C 218 -5.39 3.76 -11.58
CA PHE C 218 -6.04 3.89 -10.29
C PHE C 218 -7.33 3.09 -10.29
N THR C 219 -7.94 2.99 -9.11
CA THR C 219 -9.26 2.41 -8.97
C THR C 219 -10.21 3.43 -8.37
N LEU C 220 -11.36 3.57 -9.00
CA LEU C 220 -12.47 4.34 -8.44
C LEU C 220 -13.26 3.38 -7.56
N MET C 221 -13.00 3.46 -6.24
CA MET C 221 -13.73 2.66 -5.27
C MET C 221 -14.91 3.46 -4.75
N ILE C 222 -16.12 2.98 -5.02
CA ILE C 222 -17.35 3.57 -4.49
C ILE C 222 -17.85 2.60 -3.42
N ILE C 223 -17.63 2.95 -2.16
CA ILE C 223 -17.91 2.07 -1.04
C ILE C 223 -18.97 2.73 -0.16
N PRO C 224 -20.20 2.21 -0.16
CA PRO C 224 -21.22 2.75 0.76
C PRO C 224 -20.90 2.46 2.21
N PHE C 225 -20.53 3.50 2.95
CA PHE C 225 -20.26 3.29 4.38
C PHE C 225 -21.56 3.15 5.16
N ALA C 226 -22.54 3.99 4.87
CA ALA C 226 -23.88 3.80 5.38
C ALA C 226 -24.72 3.13 4.29
N PRO C 227 -25.23 1.93 4.51
CA PRO C 227 -26.00 1.25 3.46
C PRO C 227 -27.22 2.07 3.07
N LEU C 228 -27.55 2.06 1.78
CA LEU C 228 -28.71 2.80 1.31
C LEU C 228 -29.98 2.27 1.96
N ASN C 229 -30.58 3.08 2.82
CA ASN C 229 -31.81 2.73 3.51
C ASN C 229 -32.90 3.71 3.09
N PHE C 230 -34.00 3.16 2.57
CA PHE C 230 -35.13 3.98 2.15
C PHE C 230 -36.42 3.26 2.55
N ASN C 231 -37.40 4.03 3.01
CA ASN C 231 -38.68 3.48 3.36
C ASN C 231 -39.45 3.09 2.10
N GLU C 232 -40.47 2.23 2.29
CA GLU C 232 -41.18 1.68 1.15
C GLU C 232 -41.97 2.76 0.42
N GLY C 233 -42.11 2.57 -0.90
CA GLY C 233 -42.67 3.56 -1.78
C GLY C 233 -41.64 4.42 -2.49
N ALA C 234 -40.48 4.64 -1.87
CA ALA C 234 -39.40 5.37 -2.52
C ALA C 234 -38.75 4.51 -3.60
N THR C 235 -38.07 5.16 -4.54
CA THR C 235 -37.40 4.48 -5.64
C THR C 235 -36.39 3.45 -5.14
N ALA C 236 -36.68 2.18 -5.38
CA ALA C 236 -35.76 1.12 -4.96
C ALA C 236 -34.50 1.10 -5.83
N TYR C 237 -34.65 1.37 -7.12
CA TYR C 237 -33.52 1.38 -8.06
C TYR C 237 -32.86 2.75 -7.98
N VAL C 238 -31.85 2.86 -7.12
CA VAL C 238 -31.05 4.06 -7.02
C VAL C 238 -29.71 3.77 -7.68
N PRO C 239 -29.49 4.23 -8.91
CA PRO C 239 -28.27 3.88 -9.63
C PRO C 239 -27.08 4.73 -9.20
N VAL C 240 -25.89 4.23 -9.51
CA VAL C 240 -24.66 4.98 -9.32
C VAL C 240 -23.91 5.00 -10.64
N THR C 241 -24.21 5.99 -11.48
CA THR C 241 -23.55 6.10 -12.78
C THR C 241 -22.15 6.67 -12.60
N VAL C 242 -21.24 6.25 -13.46
CA VAL C 242 -19.85 6.73 -13.45
C VAL C 242 -19.54 7.28 -14.83
N THR C 243 -19.24 8.57 -14.91
CA THR C 243 -18.73 9.19 -16.12
C THR C 243 -17.31 9.68 -15.82
N ILE C 244 -16.41 9.47 -16.77
CA ILE C 244 -15.01 9.85 -16.57
C ILE C 244 -14.50 10.54 -17.82
N ALA C 245 -13.91 11.72 -17.65
CA ALA C 245 -13.37 12.51 -18.76
C ALA C 245 -11.85 12.53 -18.68
N PRO C 246 -11.14 11.81 -19.56
CA PRO C 246 -9.67 11.85 -19.54
C PRO C 246 -9.10 13.09 -20.19
N MET C 247 -9.14 14.21 -19.49
CA MET C 247 -8.54 15.43 -19.98
C MET C 247 -7.04 15.25 -20.15
N TYR C 248 -6.48 15.94 -21.15
CA TYR C 248 -5.05 15.88 -21.43
C TYR C 248 -4.58 14.45 -21.66
N ALA C 249 -5.35 13.72 -22.48
CA ALA C 249 -5.07 12.30 -22.74
C ALA C 249 -3.96 12.20 -23.79
N GLU C 250 -2.73 12.28 -23.31
CA GLU C 250 -1.56 12.13 -24.17
C GLU C 250 -1.35 10.66 -24.52
N TYR C 251 -0.73 10.43 -25.68
CA TYR C 251 -0.57 9.07 -26.19
C TYR C 251 0.73 8.97 -26.98
N ASN C 252 1.71 8.26 -26.42
CA ASN C 252 2.97 7.97 -27.09
C ASN C 252 3.02 6.51 -27.52
N GLY C 253 4.05 6.16 -28.27
CA GLY C 253 4.27 4.80 -28.71
C GLY C 253 3.17 4.25 -29.60
N LEU C 254 2.78 5.02 -30.62
CA LEU C 254 1.74 4.58 -31.54
C LEU C 254 2.21 3.32 -32.28
N ARG C 255 1.35 2.31 -32.29
CA ARG C 255 1.65 1.04 -32.93
C ARG C 255 0.33 0.33 -33.22
N LEU C 256 0.42 -0.98 -33.53
CA LEU C 256 -0.77 -1.75 -33.85
C LEU C 256 -1.69 -1.85 -32.64
N ALA C 257 -2.98 -1.99 -32.91
CA ALA C 257 -3.98 -2.03 -31.85
C ALA C 257 -3.83 -3.30 -31.02
N SER C 258 -3.90 -3.15 -29.70
CA SER C 258 -3.81 -4.29 -28.81
C SER C 258 -5.09 -5.12 -28.87
N THR C 259 -4.93 -6.43 -28.73
CA THR C 259 -6.06 -7.36 -28.77
C THR C 259 -6.67 -7.51 -27.37
N GLN C 260 -7.24 -6.41 -26.89
CA GLN C 260 -7.86 -6.38 -25.57
C GLN C 260 -9.38 -6.30 -25.68
N GLY D 1 48.95 9.65 9.62
CA GLY D 1 48.17 10.80 9.21
C GLY D 1 47.63 11.61 10.37
N VAL D 2 46.41 12.12 10.22
CA VAL D 2 45.79 12.91 11.28
C VAL D 2 45.44 11.99 12.45
N PRO D 3 45.87 12.30 13.67
CA PRO D 3 45.54 11.45 14.83
C PRO D 3 44.05 11.53 15.14
N VAL D 4 43.39 10.37 15.13
CA VAL D 4 41.95 10.29 15.37
C VAL D 4 41.71 9.26 16.48
N LEU D 5 40.84 9.60 17.42
CA LEU D 5 40.48 8.72 18.52
C LEU D 5 39.07 8.18 18.27
N ASN D 6 38.93 6.86 18.33
CA ASN D 6 37.64 6.22 18.11
C ASN D 6 36.74 6.48 19.31
N THR D 7 35.86 7.47 19.18
CA THR D 7 34.95 7.82 20.26
C THR D 7 33.90 6.74 20.44
N PRO D 8 33.29 6.67 21.63
CA PRO D 8 32.17 5.72 21.82
C PRO D 8 31.05 6.00 20.83
N GLY D 9 30.45 4.93 20.32
CA GLY D 9 29.49 5.05 19.25
C GLY D 9 30.16 4.91 17.89
N SER D 10 31.14 4.01 17.82
CA SER D 10 31.90 3.76 16.61
C SER D 10 31.78 2.28 16.25
N THR D 11 31.86 2.01 14.94
CA THR D 11 31.65 0.66 14.41
C THR D 11 30.29 0.11 14.83
N GLN D 12 29.28 0.99 14.86
CA GLN D 12 27.94 0.64 15.28
C GLN D 12 26.93 1.04 14.22
N PHE D 13 25.93 0.20 14.03
CA PHE D 13 24.82 0.52 13.13
C PHE D 13 23.62 1.03 13.96
N LEU D 14 23.73 2.28 14.37
CA LEU D 14 22.57 2.97 14.92
C LEU D 14 21.50 3.08 13.84
N THR D 15 20.26 2.71 14.20
CA THR D 15 19.17 2.75 13.22
C THR D 15 18.76 4.17 12.86
N SER D 16 18.98 5.13 13.76
CA SER D 16 18.57 6.52 13.56
C SER D 16 19.76 7.45 13.30
N ASP D 17 20.74 6.98 12.52
CA ASP D 17 21.91 7.78 12.21
C ASP D 17 21.82 8.35 10.79
N ASP D 18 22.37 9.54 10.61
CA ASP D 18 22.42 10.21 9.31
C ASP D 18 23.86 10.27 8.77
N PHE D 19 24.63 9.22 9.02
CA PHE D 19 26.00 9.15 8.51
C PHE D 19 26.00 8.91 6.99
N GLN D 20 27.03 9.43 6.33
CA GLN D 20 27.16 9.21 4.90
C GLN D 20 27.82 7.86 4.63
N SER D 21 27.79 7.45 3.36
CA SER D 21 28.28 6.12 3.01
C SER D 21 28.65 6.09 1.54
N PRO D 22 29.71 5.38 1.16
CA PRO D 22 30.04 5.26 -0.26
C PRO D 22 28.91 4.60 -1.04
N SER D 23 28.67 5.10 -2.25
CA SER D 23 27.59 4.58 -3.08
C SER D 23 28.01 3.32 -3.81
N ALA D 24 27.04 2.43 -4.01
CA ALA D 24 27.31 1.20 -4.76
C ALA D 24 27.65 1.53 -6.22
N MET D 25 26.93 2.46 -6.83
CA MET D 25 27.15 2.85 -8.21
C MET D 25 27.56 4.31 -8.27
N PRO D 26 28.86 4.60 -8.32
CA PRO D 26 29.30 6.00 -8.40
C PRO D 26 28.90 6.65 -9.70
N GLN D 27 28.60 7.94 -9.63
CA GLN D 27 28.20 8.75 -10.79
C GLN D 27 27.00 8.13 -11.51
N PHE D 28 26.07 7.57 -10.74
CA PHE D 28 24.89 6.96 -11.32
C PHE D 28 23.92 8.05 -11.80
N ASP D 29 23.44 7.91 -13.03
CA ASP D 29 22.52 8.89 -13.62
C ASP D 29 21.10 8.47 -13.25
N GLU D 30 20.57 9.07 -12.19
CA GLU D 30 19.21 8.79 -11.78
C GLU D 30 18.21 9.31 -12.81
N THR D 31 17.06 8.66 -12.87
CA THR D 31 16.01 9.10 -13.77
C THR D 31 15.54 10.50 -13.37
N PRO D 32 15.37 11.42 -14.31
CA PRO D 32 14.93 12.78 -13.95
C PRO D 32 13.61 12.75 -13.20
N GLU D 33 13.52 13.59 -12.17
CA GLU D 33 12.36 13.62 -11.29
C GLU D 33 11.26 14.44 -11.93
N MET D 34 10.18 13.78 -12.33
CA MET D 34 9.01 14.48 -12.84
C MET D 34 8.14 14.94 -11.67
N HIS D 35 7.32 15.96 -11.93
CA HIS D 35 6.42 16.49 -10.91
C HIS D 35 5.23 15.53 -10.78
N ILE D 36 5.41 14.49 -9.96
CA ILE D 36 4.34 13.55 -9.68
C ILE D 36 3.39 14.23 -8.70
N PRO D 37 2.10 14.35 -9.02
CA PRO D 37 1.17 14.97 -8.08
C PRO D 37 1.03 14.15 -6.81
N GLY D 38 0.85 14.85 -5.69
CA GLY D 38 0.68 14.20 -4.41
C GLY D 38 1.94 14.06 -3.60
N GLU D 39 2.84 15.03 -3.67
CA GLU D 39 4.12 14.95 -2.95
C GLU D 39 3.86 15.06 -1.46
N VAL D 40 3.88 13.92 -0.78
CA VAL D 40 3.72 13.88 0.67
C VAL D 40 5.09 14.09 1.30
N ARG D 41 5.22 15.13 2.10
CA ARG D 41 6.49 15.48 2.72
C ARG D 41 6.48 15.33 4.23
N ASN D 42 5.31 15.21 4.85
CA ASN D 42 5.19 14.97 6.27
C ASN D 42 4.11 13.91 6.50
N LEU D 43 4.30 13.04 7.49
CA LEU D 43 3.34 11.94 7.73
C LEU D 43 2.08 12.55 8.34
N MET D 44 2.21 13.69 9.01
CA MET D 44 1.06 14.37 9.64
C MET D 44 0.15 14.94 8.55
N GLU D 45 0.67 15.17 7.35
CA GLU D 45 -0.21 15.62 6.24
C GLU D 45 -1.23 14.53 5.98
N MET D 46 -0.80 13.27 6.01
CA MET D 46 -1.68 12.07 5.92
C MET D 46 -2.60 11.99 7.14
N ALA D 47 -2.08 12.28 8.33
CA ALA D 47 -2.91 12.28 9.56
C ALA D 47 -3.95 13.39 9.49
N GLU D 48 -3.56 14.53 8.93
CA GLU D 48 -4.47 15.72 8.86
C GLU D 48 -5.69 15.41 8.00
N VAL D 49 -5.63 14.35 7.19
CA VAL D 49 -6.76 14.06 6.26
C VAL D 49 -7.92 13.40 7.00
N ASP D 50 -9.12 14.00 6.94
CA ASP D 50 -10.29 13.36 7.50
C ASP D 50 -10.35 11.91 7.07
N SER D 51 -10.45 10.99 8.03
CA SER D 51 -10.46 9.57 7.75
C SER D 51 -11.56 8.91 8.56
N VAL D 52 -12.40 8.12 7.90
CA VAL D 52 -13.59 7.57 8.55
C VAL D 52 -13.17 6.73 9.74
N VAL D 53 -13.79 6.99 10.88
CA VAL D 53 -13.42 6.36 12.14
C VAL D 53 -14.33 5.15 12.36
N PRO D 54 -13.78 3.97 12.54
CA PRO D 54 -14.60 2.83 12.95
C PRO D 54 -15.06 3.01 14.38
N VAL D 55 -16.06 3.87 14.59
CA VAL D 55 -16.55 4.12 15.94
C VAL D 55 -17.25 2.89 16.49
N ASN D 56 -18.01 2.20 15.64
CA ASN D 56 -18.86 1.07 16.05
C ASN D 56 -18.05 -0.24 16.02
N ASN D 57 -17.23 -0.43 17.05
CA ASN D 57 -16.39 -1.61 17.17
C ASN D 57 -17.15 -2.86 17.60
N ILE D 58 -18.49 -2.82 17.68
CA ILE D 58 -19.28 -3.96 18.14
C ILE D 58 -18.93 -5.21 17.35
N THR D 59 -18.88 -6.35 18.03
CA THR D 59 -18.52 -7.61 17.40
C THR D 59 -19.45 -7.90 16.22
N GLY D 60 -18.86 -8.38 15.12
CA GLY D 60 -19.60 -8.60 13.90
C GLY D 60 -19.70 -7.33 13.07
N LYS D 61 -20.00 -6.22 13.73
CA LYS D 61 -20.07 -4.93 13.04
C LYS D 61 -18.72 -4.51 12.51
N THR D 62 -17.63 -4.88 13.19
CA THR D 62 -16.30 -4.61 12.68
C THR D 62 -16.02 -5.62 11.56
N LYS D 63 -14.82 -5.54 10.97
CA LYS D 63 -14.51 -6.28 9.75
C LYS D 63 -15.68 -6.19 8.77
N SER D 64 -16.18 -4.98 8.56
CA SER D 64 -17.35 -4.71 7.74
C SER D 64 -17.47 -3.21 7.55
N MET D 65 -18.58 -2.78 6.95
CA MET D 65 -18.88 -1.36 6.83
C MET D 65 -19.78 -0.85 7.93
N GLU D 66 -20.25 -1.72 8.83
CA GLU D 66 -20.99 -1.25 9.99
C GLU D 66 -20.07 -0.66 11.06
N ALA D 67 -18.76 -0.90 10.96
CA ALA D 67 -17.83 -0.38 11.95
C ALA D 67 -17.78 1.15 11.92
N TYR D 68 -17.78 1.74 10.72
CA TYR D 68 -17.66 3.18 10.57
C TYR D 68 -18.96 3.92 10.78
N GLN D 69 -20.11 3.26 10.59
CA GLN D 69 -21.40 3.92 10.64
C GLN D 69 -21.87 4.00 12.08
N ILE D 70 -22.11 5.21 12.56
CA ILE D 70 -22.72 5.42 13.87
C ILE D 70 -24.22 5.51 13.68
N ALA D 71 -24.94 4.53 14.21
CA ALA D 71 -26.37 4.40 13.96
C ALA D 71 -27.12 5.39 14.83
N VAL D 72 -27.57 6.49 14.23
CA VAL D 72 -28.37 7.50 14.90
C VAL D 72 -29.80 7.36 14.40
N GLY D 73 -30.75 7.26 15.33
CA GLY D 73 -32.09 6.85 14.99
C GLY D 73 -33.15 7.81 15.52
N THR D 74 -34.34 7.68 14.94
CA THR D 74 -35.51 8.44 15.36
C THR D 74 -36.32 7.60 16.34
N GLY D 75 -36.23 7.94 17.62
CA GLY D 75 -36.93 7.20 18.65
C GLY D 75 -36.87 7.90 19.98
N ASN D 76 -37.70 7.43 20.90
CA ASN D 76 -37.64 7.86 22.29
C ASN D 76 -36.77 6.94 23.15
N THR D 77 -36.35 5.80 22.61
CA THR D 77 -35.59 4.82 23.37
C THR D 77 -34.11 5.18 23.41
N ASP D 78 -33.55 5.23 24.63
CA ASP D 78 -32.12 5.44 24.85
C ASP D 78 -31.63 6.73 24.18
N LYS D 79 -32.45 7.77 24.26
CA LYS D 79 -32.01 9.09 23.79
C LYS D 79 -31.31 9.89 24.87
N THR D 80 -31.33 9.43 26.11
CA THR D 80 -30.47 9.95 27.17
C THR D 80 -29.25 9.07 27.38
N LYS D 81 -29.00 8.15 26.45
CA LYS D 81 -27.86 7.26 26.39
C LYS D 81 -26.95 7.69 25.24
N PRO D 82 -25.64 7.52 25.38
CA PRO D 82 -24.73 8.03 24.35
C PRO D 82 -24.96 7.38 23.00
N ILE D 83 -24.93 8.20 21.94
CA ILE D 83 -24.92 7.66 20.59
C ILE D 83 -23.67 6.84 20.35
N PHE D 84 -22.53 7.33 20.84
CA PHE D 84 -21.30 6.56 20.88
C PHE D 84 -20.45 7.11 22.02
N SER D 85 -19.47 6.32 22.43
CA SER D 85 -18.59 6.71 23.54
C SER D 85 -17.28 5.95 23.41
N PHE D 86 -16.17 6.67 23.26
CA PHE D 86 -14.85 6.06 23.20
C PHE D 86 -13.83 7.01 23.80
N GLN D 87 -12.56 6.60 23.78
CA GLN D 87 -11.47 7.43 24.28
C GLN D 87 -10.82 8.21 23.15
N MET D 88 -10.35 9.42 23.50
CA MET D 88 -9.88 10.37 22.49
C MET D 88 -8.53 9.99 21.90
N ASP D 89 -7.71 9.23 22.62
CA ASP D 89 -6.35 8.89 22.18
C ASP D 89 -6.36 8.10 20.88
N PRO D 90 -5.90 8.68 19.76
CA PRO D 90 -5.86 7.91 18.51
C PRO D 90 -4.91 6.73 18.54
N GLY D 91 -3.95 6.71 19.46
CA GLY D 91 -2.93 5.67 19.49
C GLY D 91 -3.40 4.30 19.94
N TYR D 92 -3.94 4.21 21.15
CA TYR D 92 -4.28 2.92 21.73
C TYR D 92 -5.78 2.68 21.86
N SER D 93 -6.62 3.68 21.62
CA SER D 93 -8.06 3.47 21.64
C SER D 93 -8.47 2.63 20.44
N SER D 94 -9.18 1.53 20.70
CA SER D 94 -9.57 0.63 19.62
C SER D 94 -10.42 1.33 18.56
N VAL D 95 -11.10 2.40 18.93
CA VAL D 95 -11.96 3.11 17.98
C VAL D 95 -11.14 4.02 17.07
N LEU D 96 -10.35 4.90 17.66
CA LEU D 96 -9.61 5.88 16.87
C LEU D 96 -8.32 5.34 16.29
N LYS D 97 -7.95 4.10 16.61
CA LYS D 97 -6.79 3.48 15.98
C LYS D 97 -7.18 2.88 14.65
N ARG D 98 -6.19 2.34 13.94
CA ARG D 98 -6.39 1.66 12.67
C ARG D 98 -7.02 2.58 11.61
N THR D 99 -6.78 3.88 11.74
CA THR D 99 -7.19 4.87 10.77
C THR D 99 -5.98 5.77 10.47
N LEU D 100 -6.16 6.72 9.56
CA LEU D 100 -5.04 7.56 9.15
C LEU D 100 -4.40 8.24 10.35
N LEU D 101 -5.20 8.90 11.19
CA LEU D 101 -4.68 9.53 12.39
C LEU D 101 -4.18 8.48 13.38
N GLY D 102 -4.97 7.44 13.61
CA GLY D 102 -4.59 6.44 14.61
C GLY D 102 -3.37 5.64 14.19
N GLU D 103 -3.37 5.14 12.95
CA GLU D 103 -2.20 4.40 12.47
C GLU D 103 -0.99 5.31 12.32
N MET D 104 -1.21 6.59 12.01
CA MET D 104 -0.09 7.54 11.97
C MET D 104 0.53 7.69 13.36
N LEU D 105 -0.30 7.76 14.40
CA LEU D 105 0.22 7.87 15.75
C LEU D 105 0.89 6.58 16.20
N ASN D 106 0.34 5.43 15.79
CA ASN D 106 0.90 4.15 16.22
C ASN D 106 2.33 3.95 15.73
N TYR D 107 2.74 4.65 14.68
CA TYR D 107 4.13 4.62 14.26
C TYR D 107 5.03 5.53 15.10
N TYR D 108 4.49 6.16 16.13
CA TYR D 108 5.26 7.02 17.00
C TYR D 108 4.93 6.69 18.45
N ALA D 109 5.73 7.25 19.36
CA ALA D 109 5.55 7.01 20.79
C ALA D 109 4.97 8.21 21.53
N HIS D 110 5.20 9.43 21.04
CA HIS D 110 4.63 10.63 21.62
C HIS D 110 3.93 11.43 20.53
N TRP D 111 2.74 11.93 20.85
CA TRP D 111 1.94 12.71 19.92
C TRP D 111 1.40 13.96 20.61
N SER D 112 1.01 14.94 19.80
CA SER D 112 0.46 16.20 20.35
C SER D 112 -0.47 16.82 19.34
N GLY D 113 -1.15 17.90 19.70
CA GLY D 113 -1.99 18.62 18.75
C GLY D 113 -3.45 18.29 18.85
N SER D 114 -4.30 19.18 18.35
CA SER D 114 -5.76 18.97 18.41
C SER D 114 -6.19 17.95 17.35
N VAL D 115 -7.18 17.13 17.68
CA VAL D 115 -7.72 16.13 16.72
C VAL D 115 -9.07 16.67 16.26
N LYS D 116 -9.32 16.76 14.95
CA LYS D 116 -10.66 17.17 14.50
C LYS D 116 -11.46 15.91 14.23
N LEU D 117 -12.59 15.74 14.90
CA LEU D 117 -13.46 14.59 14.57
C LEU D 117 -14.62 15.15 13.74
N THR D 118 -14.61 14.90 12.44
CA THR D 118 -15.65 15.47 11.56
C THR D 118 -16.79 14.46 11.49
N PHE D 119 -17.98 14.88 11.90
CA PHE D 119 -19.11 13.96 11.93
C PHE D 119 -20.02 14.22 10.74
N LEU D 120 -20.01 13.30 9.79
CA LEU D 120 -20.79 13.42 8.56
C LEU D 120 -22.09 12.63 8.71
N PHE D 121 -23.21 13.31 8.51
CA PHE D 121 -24.51 12.66 8.55
C PHE D 121 -24.77 11.93 7.25
N CYS D 122 -25.17 10.67 7.35
CA CYS D 122 -25.56 9.84 6.21
C CYS D 122 -26.99 9.39 6.48
N GLY D 123 -27.95 10.20 6.03
CA GLY D 123 -29.36 9.89 6.17
C GLY D 123 -30.18 10.61 5.12
N SER D 124 -31.50 10.61 5.29
CA SER D 124 -32.37 11.30 4.35
C SER D 124 -32.19 12.82 4.49
N ALA D 125 -32.38 13.53 3.37
CA ALA D 125 -32.26 14.98 3.40
C ALA D 125 -33.37 15.62 4.23
N MET D 126 -34.53 14.96 4.32
CA MET D 126 -35.62 15.48 5.15
C MET D 126 -35.35 15.30 6.63
N ALA D 127 -34.46 14.38 7.01
CA ALA D 127 -34.15 14.17 8.41
C ALA D 127 -33.49 15.41 9.00
N THR D 128 -33.93 15.80 10.20
CA THR D 128 -33.38 16.96 10.90
C THR D 128 -33.30 16.64 12.39
N GLY D 129 -32.18 16.99 13.00
CA GLY D 129 -31.98 16.74 14.42
C GLY D 129 -30.80 17.52 14.94
N LYS D 130 -30.45 17.25 16.19
CA LYS D 130 -29.29 17.87 16.83
C LYS D 130 -28.54 16.84 17.64
N LEU D 131 -27.25 16.70 17.36
CA LEU D 131 -26.39 15.78 18.10
C LEU D 131 -25.32 16.56 18.83
N LEU D 132 -25.19 16.33 20.13
CA LEU D 132 -24.22 17.03 20.96
C LEU D 132 -23.05 16.09 21.18
N ILE D 133 -21.91 16.39 20.57
CA ILE D 133 -20.71 15.57 20.69
C ILE D 133 -19.74 16.28 21.63
N SER D 134 -19.27 15.56 22.65
CA SER D 134 -18.48 16.17 23.70
C SER D 134 -17.17 15.42 23.89
N TYR D 135 -16.08 16.18 23.92
CA TYR D 135 -14.79 15.73 24.40
C TYR D 135 -14.65 16.17 25.86
N SER D 136 -14.54 15.20 26.75
CA SER D 136 -14.34 15.44 28.17
C SER D 136 -12.87 15.24 28.51
N PRO D 137 -12.18 16.24 29.05
CA PRO D 137 -10.78 16.07 29.42
C PRO D 137 -10.63 15.09 30.56
N PRO D 138 -9.48 14.43 30.69
CA PRO D 138 -9.29 13.44 31.74
C PRO D 138 -9.30 14.08 33.12
N GLY D 139 -9.55 13.24 34.13
CA GLY D 139 -9.68 13.69 35.50
C GLY D 139 -10.97 13.20 36.12
N ALA D 140 -11.98 12.99 35.29
CA ALA D 140 -13.25 12.42 35.70
C ALA D 140 -13.55 11.18 34.86
N SER D 141 -14.71 10.58 35.11
CA SER D 141 -15.11 9.39 34.38
C SER D 141 -15.66 9.77 33.01
N VAL D 142 -15.88 8.74 32.18
CA VAL D 142 -16.50 8.96 30.86
C VAL D 142 -17.89 9.56 31.07
N PRO D 143 -18.31 10.53 30.28
CA PRO D 143 -19.65 11.10 30.44
C PRO D 143 -20.73 10.02 30.35
N SER D 144 -21.63 10.04 31.33
CA SER D 144 -22.76 9.11 31.39
C SER D 144 -24.10 9.78 31.10
N SER D 145 -24.15 11.11 31.11
CA SER D 145 -25.33 11.86 30.71
C SER D 145 -24.90 13.06 29.89
N ARG D 146 -25.82 13.58 29.06
CA ARG D 146 -25.52 14.77 28.28
C ARG D 146 -25.25 15.97 29.18
N LYS D 147 -25.84 15.99 30.37
CA LYS D 147 -25.52 17.03 31.36
C LYS D 147 -24.04 16.99 31.72
N ASP D 148 -23.49 15.79 31.96
CA ASP D 148 -22.07 15.66 32.23
C ASP D 148 -21.23 15.91 30.98
N ALA D 149 -21.83 15.81 29.79
CA ALA D 149 -21.09 16.02 28.55
C ALA D 149 -20.93 17.50 28.24
N MET D 150 -21.98 18.29 28.42
CA MET D 150 -21.90 19.71 28.11
C MET D 150 -21.00 20.49 29.06
N LEU D 151 -20.64 19.90 30.21
CA LEU D 151 -19.72 20.55 31.13
C LEU D 151 -18.34 20.71 30.52
N GLY D 152 -17.86 19.71 29.81
CA GLY D 152 -16.53 19.75 29.24
C GLY D 152 -16.51 20.55 27.94
N THR D 153 -15.81 20.04 26.93
CA THR D 153 -15.83 20.65 25.60
C THR D 153 -16.90 19.95 24.79
N HIS D 154 -17.81 20.72 24.20
CA HIS D 154 -18.88 20.11 23.42
C HIS D 154 -19.19 20.96 22.21
N ILE D 155 -19.74 20.30 21.20
CA ILE D 155 -20.22 20.97 19.98
C ILE D 155 -21.63 20.45 19.69
N ILE D 156 -22.54 21.38 19.42
CA ILE D 156 -23.92 21.04 19.07
C ILE D 156 -24.04 21.06 17.55
N TRP D 157 -24.32 19.90 16.96
CA TRP D 157 -24.35 19.73 15.52
C TRP D 157 -25.81 19.70 15.07
N ASP D 158 -26.19 20.69 14.27
CA ASP D 158 -27.54 20.80 13.72
C ASP D 158 -27.55 20.11 12.37
N ILE D 159 -28.24 18.96 12.30
CA ILE D 159 -28.29 18.19 11.06
C ILE D 159 -28.98 19.02 9.99
N GLY D 160 -28.31 19.18 8.86
CA GLY D 160 -28.83 20.05 7.81
C GLY D 160 -28.01 20.11 6.54
N LEU D 161 -28.01 21.27 5.89
CA LEU D 161 -27.33 21.43 4.61
C LEU D 161 -25.85 21.07 4.70
N GLN D 162 -25.20 21.45 5.81
CA GLN D 162 -23.80 21.08 5.99
C GLN D 162 -23.66 19.61 6.38
N SER D 163 -24.24 19.25 7.53
CA SER D 163 -24.31 17.86 8.00
C SER D 163 -22.93 17.23 8.14
N SER D 164 -21.89 18.04 8.28
CA SER D 164 -20.54 17.55 8.53
C SER D 164 -19.86 18.40 9.60
N CYS D 165 -20.61 18.75 10.65
CA CYS D 165 -20.02 19.52 11.75
C CYS D 165 -18.91 18.72 12.41
N VAL D 166 -17.81 19.41 12.74
CA VAL D 166 -16.60 18.79 13.24
C VAL D 166 -16.38 19.23 14.68
N LEU D 167 -16.20 18.26 15.57
CA LEU D 167 -15.72 18.51 16.93
C LEU D 167 -14.20 18.53 16.87
N CYS D 168 -13.64 19.73 16.77
CA CYS D 168 -12.19 19.91 16.82
C CYS D 168 -11.77 19.92 18.29
N VAL D 169 -11.40 18.75 18.80
CA VAL D 169 -11.12 18.66 20.23
C VAL D 169 -9.88 19.48 20.58
N PRO D 170 -9.84 20.13 21.73
CA PRO D 170 -8.72 20.99 22.08
C PRO D 170 -7.55 20.18 22.65
N TRP D 171 -6.45 20.89 22.92
CA TRP D 171 -5.27 20.30 23.53
C TRP D 171 -5.23 20.72 24.99
N ILE D 172 -5.84 19.89 25.86
CA ILE D 172 -5.90 20.18 27.28
C ILE D 172 -4.99 19.20 28.01
N SER D 173 -3.96 18.72 27.32
CA SER D 173 -3.01 17.81 27.93
C SER D 173 -2.16 18.54 28.96
N GLN D 174 -1.88 17.86 30.08
CA GLN D 174 -1.00 18.44 31.09
C GLN D 174 0.41 18.60 30.55
N SER D 175 0.89 17.64 29.77
CA SER D 175 2.21 17.70 29.16
C SER D 175 2.11 18.16 27.71
N HIS D 176 3.26 18.51 27.13
CA HIS D 176 3.29 18.96 25.75
C HIS D 176 2.96 17.83 24.77
N TYR D 177 3.28 16.58 25.12
CA TYR D 177 2.99 15.43 24.30
C TYR D 177 2.33 14.34 25.12
N ARG D 178 1.30 13.72 24.56
CA ARG D 178 0.69 12.54 25.16
C ARG D 178 1.42 11.28 24.71
N MET D 179 1.04 10.16 25.32
CA MET D 179 1.64 8.87 25.00
C MET D 179 0.73 8.11 24.03
N VAL D 180 1.32 7.62 22.94
CA VAL D 180 0.57 6.82 21.98
C VAL D 180 0.10 5.51 22.60
N GLN D 181 0.96 4.87 23.38
CA GLN D 181 0.61 3.61 24.01
C GLN D 181 -0.39 3.84 25.14
N GLN D 182 -0.90 2.73 25.70
CA GLN D 182 -1.88 2.80 26.77
C GLN D 182 -1.22 3.23 28.06
N ASP D 183 -1.11 4.54 28.28
CA ASP D 183 -0.50 5.09 29.48
C ASP D 183 -1.55 5.82 30.30
N PRO D 184 -1.79 5.41 31.55
CA PRO D 184 -2.74 6.17 32.38
C PRO D 184 -2.34 7.63 32.55
N TYR D 185 -1.04 7.91 32.64
CA TYR D 185 -0.57 9.27 32.69
C TYR D 185 -0.70 9.92 31.31
N THR D 186 -0.84 11.25 31.30
CA THR D 186 -1.01 12.10 30.13
C THR D 186 -1.91 11.46 29.07
N SER D 187 -2.99 10.82 29.51
CA SER D 187 -3.97 10.27 28.58
C SER D 187 -4.96 11.35 28.15
N ALA D 188 -5.64 11.10 27.05
CA ALA D 188 -6.61 12.04 26.52
C ALA D 188 -7.97 11.84 27.17
N GLY D 189 -8.95 12.62 26.75
CA GLY D 189 -10.30 12.55 27.27
C GLY D 189 -11.16 11.52 26.56
N TYR D 190 -12.47 11.74 26.61
CA TYR D 190 -13.43 10.81 26.06
C TYR D 190 -14.41 11.53 25.14
N ILE D 191 -14.72 10.90 24.02
CA ILE D 191 -15.66 11.43 23.04
C ILE D 191 -16.99 10.70 23.21
N THR D 192 -18.03 11.43 23.56
CA THR D 192 -19.37 10.88 23.74
C THR D 192 -20.39 11.72 22.99
N CYS D 193 -21.25 11.06 22.23
CA CYS D 193 -22.28 11.74 21.46
C CYS D 193 -23.66 11.48 22.06
N TRP D 194 -24.51 12.50 22.03
CA TRP D 194 -25.83 12.43 22.64
C TRP D 194 -26.85 13.11 21.73
N TYR D 195 -28.13 12.92 22.05
CA TYR D 195 -29.23 13.49 21.27
C TYR D 195 -29.66 14.80 21.94
N GLN D 196 -29.17 15.92 21.41
CA GLN D 196 -29.66 17.22 21.88
C GLN D 196 -31.15 17.35 21.58
N THR D 197 -31.54 17.06 20.35
CA THR D 197 -32.93 16.88 19.96
C THR D 197 -33.05 15.61 19.13
N ASN D 198 -34.18 14.93 19.27
CA ASN D 198 -34.40 13.71 18.49
C ASN D 198 -34.52 14.07 17.01
N ILE D 199 -33.90 13.24 16.17
CA ILE D 199 -33.91 13.47 14.73
C ILE D 199 -35.30 13.11 14.21
N VAL D 200 -36.12 14.13 13.95
CA VAL D 200 -37.47 13.91 13.46
C VAL D 200 -37.43 13.66 11.97
N VAL D 201 -38.05 12.56 11.53
CA VAL D 201 -38.06 12.20 10.12
C VAL D 201 -39.50 12.10 9.63
N PRO D 202 -39.78 12.46 8.39
CA PRO D 202 -41.12 12.26 7.84
C PRO D 202 -41.44 10.79 7.69
N PRO D 203 -42.72 10.43 7.51
CA PRO D 203 -43.06 9.00 7.33
C PRO D 203 -42.36 8.36 6.15
N GLY D 204 -42.11 9.11 5.07
CA GLY D 204 -41.40 8.56 3.94
C GLY D 204 -39.91 8.38 4.14
N ALA D 205 -39.33 9.10 5.12
CA ALA D 205 -37.90 9.00 5.38
C ALA D 205 -37.61 7.85 6.36
N PRO D 206 -36.47 7.18 6.20
CA PRO D 206 -36.10 6.12 7.13
C PRO D 206 -35.85 6.66 8.53
N THR D 207 -36.22 5.85 9.53
CA THR D 207 -36.06 6.24 10.92
C THR D 207 -34.60 6.16 11.37
N SER D 208 -33.90 5.10 10.99
CA SER D 208 -32.54 4.86 11.45
C SER D 208 -31.54 5.39 10.43
N CYS D 209 -30.90 6.50 10.75
CA CYS D 209 -29.86 7.08 9.91
C CYS D 209 -28.48 6.70 10.45
N ASP D 210 -27.44 7.25 9.83
CA ASP D 210 -26.07 6.90 10.20
C ASP D 210 -25.21 8.16 10.33
N VAL D 211 -24.09 8.00 11.06
CA VAL D 211 -23.08 9.04 11.21
C VAL D 211 -21.72 8.42 10.99
N LEU D 212 -20.85 9.11 10.23
CA LEU D 212 -19.47 8.70 10.01
C LEU D 212 -18.54 9.70 10.65
N CYS D 213 -17.68 9.24 11.55
CA CYS D 213 -16.70 10.09 12.19
C CYS D 213 -15.40 10.06 11.39
N PHE D 214 -14.81 11.22 11.17
CA PHE D 214 -13.58 11.37 10.40
C PHE D 214 -12.50 11.94 11.32
N ALA D 215 -11.51 11.12 11.64
CA ALA D 215 -10.39 11.58 12.46
C ALA D 215 -9.36 12.24 11.57
N SER D 216 -9.02 13.48 11.88
CA SER D 216 -8.01 14.23 11.16
C SER D 216 -7.20 15.01 12.17
N ALA D 217 -6.18 15.70 11.69
CA ALA D 217 -5.26 16.44 12.54
C ALA D 217 -5.23 17.89 12.10
N CYS D 218 -4.97 18.77 13.07
CA CYS D 218 -4.96 20.20 12.80
C CYS D 218 -3.55 20.65 12.43
N ASN D 219 -3.42 21.96 12.19
CA ASN D 219 -2.10 22.55 11.98
C ASN D 219 -1.25 22.51 13.25
N ASP D 220 -1.87 22.28 14.41
CA ASP D 220 -1.17 22.19 15.68
C ASP D 220 -0.68 20.78 15.98
N PHE D 221 -1.03 19.79 15.16
CA PHE D 221 -0.76 18.40 15.48
C PHE D 221 0.68 18.03 15.15
N SER D 222 1.28 17.21 16.02
CA SER D 222 2.66 16.77 15.82
C SER D 222 2.91 15.50 16.61
N VAL D 223 3.94 14.76 16.19
CA VAL D 223 4.44 13.60 16.92
C VAL D 223 5.94 13.75 17.09
N ARG D 224 6.48 13.05 18.09
CA ARG D 224 7.86 13.29 18.51
C ARG D 224 8.77 12.08 18.35
N LEU D 225 8.39 10.92 18.86
CA LEU D 225 9.31 9.79 19.00
C LEU D 225 8.90 8.65 18.08
N LEU D 226 9.71 8.37 17.08
CA LEU D 226 9.45 7.28 16.13
C LEU D 226 9.54 5.92 16.82
N ARG D 227 8.73 4.98 16.35
CA ARG D 227 8.75 3.61 16.85
C ARG D 227 8.15 2.69 15.79
N ASP D 228 8.43 1.41 15.93
CA ASP D 228 7.81 0.40 15.07
C ASP D 228 6.35 0.22 15.47
N THR D 229 5.49 0.05 14.48
CA THR D 229 4.06 -0.07 14.74
C THR D 229 3.74 -1.41 15.38
N PRO D 230 3.01 -1.44 16.50
CA PRO D 230 2.59 -2.72 17.08
C PRO D 230 1.49 -3.41 16.29
N PHE D 231 0.88 -2.74 15.32
CA PHE D 231 -0.23 -3.32 14.57
C PHE D 231 0.22 -4.52 13.75
N MET D 232 1.36 -4.42 13.06
CA MET D 232 1.78 -5.44 12.12
C MET D 232 2.04 -6.78 12.80
N ALA D 233 3.06 -6.83 13.67
CA ALA D 233 3.45 -8.05 14.37
C ALA D 233 3.64 -9.21 13.37
N GLN D 234 4.64 -9.03 12.52
CA GLN D 234 4.90 -9.99 11.45
C GLN D 234 5.19 -11.36 12.04
N PRO D 235 4.46 -12.41 11.63
CA PRO D 235 4.71 -13.75 12.18
C PRO D 235 6.03 -14.34 11.73
N GLY D 236 6.33 -14.22 10.45
CA GLY D 236 7.55 -14.80 9.92
C GLY D 236 7.78 -14.38 8.48
N LYS D 237 8.61 -15.17 7.80
CA LYS D 237 8.93 -14.88 6.41
C LYS D 237 7.69 -14.96 5.54
N LEU D 238 7.62 -14.07 4.55
CA LEU D 238 6.48 -14.02 3.64
C LEU D 238 6.70 -14.90 2.41
N THR E 28 28.23 18.83 9.43
CA THR E 28 27.07 18.02 9.12
C THR E 28 26.63 18.21 7.67
N ASN E 29 26.57 19.46 7.24
CA ASN E 29 26.20 19.76 5.86
C ASN E 29 27.27 19.33 4.88
N ILE E 30 28.52 19.21 5.34
CA ILE E 30 29.61 18.81 4.46
C ILE E 30 29.36 17.41 3.93
N ASN E 31 29.51 17.24 2.62
CA ASN E 31 29.39 15.94 1.98
C ASN E 31 30.78 15.44 1.60
N PHE E 32 31.12 14.25 2.07
CA PHE E 32 32.45 13.68 1.87
C PHE E 32 32.51 12.74 0.67
N TYR E 33 31.40 12.54 -0.03
CA TYR E 33 31.35 11.70 -1.21
C TYR E 33 30.73 12.48 -2.36
N LYS E 34 31.28 12.30 -3.56
CA LYS E 34 30.80 13.05 -4.72
C LYS E 34 29.38 12.65 -5.11
N ASP E 35 28.99 11.40 -4.85
CA ASP E 35 27.67 10.93 -5.23
C ASP E 35 26.60 11.63 -4.40
N ALA E 36 25.53 12.07 -5.08
CA ALA E 36 24.43 12.70 -4.38
C ALA E 36 23.63 11.70 -3.56
N ALA E 37 23.59 10.44 -4.00
CA ALA E 37 22.91 9.39 -3.24
C ALA E 37 23.66 9.04 -1.96
N SER E 38 24.93 9.45 -1.84
CA SER E 38 25.72 9.18 -0.67
C SER E 38 25.54 10.21 0.45
N SER E 39 24.78 11.28 0.20
CA SER E 39 24.60 12.31 1.19
C SER E 39 23.73 11.80 2.35
N ALA E 40 23.65 12.61 3.39
CA ALA E 40 22.90 12.26 4.58
C ALA E 40 21.39 12.37 4.33
N SER E 41 20.63 11.86 5.29
CA SER E 41 19.17 12.01 5.24
C SER E 41 18.80 13.48 5.46
N ASN E 42 17.84 13.96 4.67
CA ASN E 42 17.43 15.35 4.76
C ASN E 42 16.49 15.55 5.94
N ARG E 43 16.96 15.19 7.13
CA ARG E 43 16.11 15.27 8.32
C ARG E 43 15.72 16.71 8.63
N GLN E 44 16.65 17.65 8.41
CA GLN E 44 16.40 19.06 8.72
C GLN E 44 15.32 19.67 7.84
N GLU E 45 15.01 19.08 6.69
CA GLU E 45 14.07 19.66 5.75
C GLU E 45 12.64 19.37 6.22
N LEU E 46 11.99 20.39 6.78
CA LEU E 46 10.60 20.28 7.21
C LEU E 46 9.76 21.10 6.25
N GLN E 47 9.15 20.42 5.28
CA GLN E 47 8.21 21.02 4.35
C GLN E 47 6.92 20.22 4.38
N GLN E 48 5.80 20.91 4.19
CA GLN E 48 4.52 20.22 4.15
C GLN E 48 3.51 21.05 3.38
N ASP E 49 2.67 20.36 2.61
CA ASP E 49 1.55 20.99 1.89
C ASP E 49 0.31 20.16 2.18
N PRO E 50 -0.28 20.32 3.37
CA PRO E 50 -1.50 19.55 3.69
C PRO E 50 -2.66 19.89 2.77
N GLY E 51 -2.62 21.04 2.10
CA GLY E 51 -3.67 21.37 1.14
C GLY E 51 -3.75 20.42 -0.02
N LYS E 52 -2.70 19.62 -0.26
CA LYS E 52 -2.80 18.59 -1.27
C LYS E 52 -3.84 17.53 -0.91
N PHE E 53 -3.85 17.09 0.35
CA PHE E 53 -4.73 16.02 0.78
C PHE E 53 -5.86 16.46 1.68
N THR E 54 -5.65 17.51 2.49
CA THR E 54 -6.69 17.99 3.40
C THR E 54 -7.56 19.07 2.77
N ASP E 55 -7.05 19.78 1.76
CA ASP E 55 -7.83 20.80 1.05
C ASP E 55 -7.70 20.61 -0.46
N PRO E 56 -8.13 19.46 -0.98
CA PRO E 56 -7.93 19.17 -2.40
C PRO E 56 -9.02 19.70 -3.32
N VAL E 57 -10.00 20.43 -2.78
CA VAL E 57 -11.12 20.89 -3.60
C VAL E 57 -10.66 21.97 -4.57
N LYS E 58 -11.28 22.00 -5.75
CA LYS E 58 -10.93 22.97 -6.78
C LYS E 58 -11.26 24.39 -6.32
N ASP E 59 -12.45 24.58 -5.76
CA ASP E 59 -12.88 25.88 -5.26
C ASP E 59 -12.51 26.00 -3.78
N LEU E 60 -11.93 27.15 -3.42
CA LEU E 60 -11.51 27.37 -2.05
C LEU E 60 -12.70 27.23 -1.10
N MET E 61 -12.51 26.41 -0.07
CA MET E 61 -13.52 26.20 0.96
C MET E 61 -13.03 26.87 2.23
N VAL E 62 -13.64 27.99 2.59
CA VAL E 62 -13.28 28.71 3.79
C VAL E 62 -13.96 28.05 4.99
N LYS E 63 -13.20 27.93 6.09
CA LYS E 63 -13.73 27.29 7.29
C LYS E 63 -14.94 28.06 7.82
N THR E 64 -14.82 29.39 7.90
CA THR E 64 -15.91 30.20 8.43
C THR E 64 -17.15 30.13 7.54
N LEU E 65 -16.95 30.19 6.23
CA LEU E 65 -18.08 30.18 5.31
C LEU E 65 -18.71 28.79 5.22
N PRO E 66 -20.01 28.71 4.96
CA PRO E 66 -20.63 27.41 4.71
C PRO E 66 -20.00 26.73 3.51
N ALA E 67 -19.77 25.42 3.64
CA ALA E 67 -19.06 24.70 2.59
C ALA E 67 -19.90 24.53 1.34
N LEU E 68 -21.18 24.19 1.50
CA LEU E 68 -22.10 23.97 0.39
C LEU E 68 -23.14 25.08 0.38
N ASN E 69 -23.24 25.78 -0.74
CA ASN E 69 -24.20 26.87 -0.92
C ASN E 69 -24.06 27.92 0.18
#